data_8GYB
#
_entry.id   8GYB
#
_cell.length_a   90.841
_cell.length_b   170.508
_cell.length_c   172.511
_cell.angle_alpha   90.00
_cell.angle_beta   90.00
_cell.angle_gamma   90.00
#
_symmetry.space_group_name_H-M   'C 2 2 21'
#
loop_
_entity.id
_entity.type
_entity.pdbx_description
1 polymer Methyltransferase
2 non-polymer S-ADENOSYL-L-HOMOCYSTEINE
3 water water
#
_entity_poly.entity_id   1
_entity_poly.type   'polypeptide(L)'
_entity_poly.pdbx_seq_one_letter_code
;GPLGSEVYKGDGYKVWKLEPSLGDPLELGRKTKTEMNAMTHDEFDRMKYRGVVAEVYSGDKPSKGYDKLRVLLDLMDRPR
LGTTVDLCAGRGGWSELVKDLEGPKGITAVSLWERGKEEWMADPAIHRINANVKHLRPWQVDTLLFDGGEAFKRDQNLRK
EENFNDSLLDAVDAWMMQPVPPRNFVIKIQVPYTQKAIALLEKWQVKTGKGRLVRLAGDRLSNTVMYFLSVRLETQIRGR
VTTFVRELAERRKDRSLTADPSLQYERVEPQWTEEAR
;
_entity_poly.pdbx_strand_id   A,B,C,D
#
# COMPACT_ATOMS: atom_id res chain seq x y z
N GLU A 6 14.65 5.72 -4.03
CA GLU A 6 14.13 4.65 -4.89
C GLU A 6 12.77 4.97 -5.48
N VAL A 7 12.25 4.04 -6.28
CA VAL A 7 10.89 4.16 -6.78
C VAL A 7 9.86 3.90 -5.69
N TYR A 8 10.26 3.34 -4.58
CA TYR A 8 9.35 3.09 -3.51
C TYR A 8 9.33 4.19 -2.44
N LYS A 9 10.53 4.61 -2.06
CA LYS A 9 10.76 5.60 -1.01
C LYS A 9 10.08 6.88 -1.37
N GLY A 10 10.06 7.16 -2.66
CA GLY A 10 9.42 8.34 -3.20
C GLY A 10 7.97 8.05 -3.43
N ASP A 11 7.28 8.92 -4.19
CA ASP A 11 5.83 8.82 -4.52
C ASP A 11 5.40 9.51 -5.83
N GLY A 12 4.10 9.74 -6.12
CA GLY A 12 2.95 9.49 -5.28
C GLY A 12 2.26 8.15 -5.35
N TYR A 13 3.01 7.16 -4.95
CA TYR A 13 2.61 5.78 -4.91
C TYR A 13 1.66 5.43 -3.79
N LYS A 14 2.00 5.79 -2.59
CA LYS A 14 1.09 5.49 -1.50
C LYS A 14 0.47 6.71 -0.83
N VAL A 15 0.89 7.93 -1.18
CA VAL A 15 0.19 9.13 -0.76
C VAL A 15 -0.09 9.96 -2.00
N TRP A 16 -1.13 10.78 -1.91
CA TRP A 16 -1.45 11.67 -3.02
C TRP A 16 -0.30 12.66 -3.24
N LYS A 17 -0.14 13.06 -4.50
CA LYS A 17 0.70 14.21 -4.83
C LYS A 17 -0.09 15.48 -4.55
N LEU A 18 0.45 16.35 -3.71
CA LEU A 18 -0.25 17.56 -3.29
C LEU A 18 0.70 18.74 -3.43
N GLU A 19 0.66 19.37 -4.55
CA GLU A 19 1.33 20.64 -4.71
C GLU A 19 0.40 21.77 -4.26
N PRO A 20 0.96 22.89 -3.81
CA PRO A 20 0.13 23.99 -3.35
C PRO A 20 -0.72 24.54 -4.48
N SER A 21 -1.97 24.89 -4.17
CA SER A 21 -2.83 25.53 -5.14
C SER A 21 -3.57 26.68 -4.49
N LEU A 22 -4.07 27.57 -5.34
CA LEU A 22 -4.85 28.72 -4.91
C LEU A 22 -6.24 28.32 -4.46
N GLY A 23 -6.76 29.07 -3.48
CA GLY A 23 -8.14 28.87 -3.01
C GLY A 23 -8.29 28.84 -1.50
N ASP A 24 -9.54 28.87 -1.03
CA ASP A 24 -9.87 28.87 0.39
C ASP A 24 -10.23 27.45 0.82
N PRO A 25 -9.39 26.77 1.60
CA PRO A 25 -9.68 25.37 1.93
C PRO A 25 -10.88 25.19 2.84
N LEU A 26 -11.20 26.15 3.69
CA LEU A 26 -12.40 26.02 4.53
C LEU A 26 -13.67 26.03 3.68
N GLU A 27 -13.74 26.97 2.73
CA GLU A 27 -14.92 27.06 1.87
C GLU A 27 -15.07 25.83 1.00
N LEU A 28 -13.97 25.38 0.37
CA LEU A 28 -14.05 24.18 -0.47
C LEU A 28 -14.36 22.93 0.36
N GLY A 29 -13.82 22.85 1.57
CA GLY A 29 -14.11 21.71 2.41
C GLY A 29 -15.56 21.64 2.82
N ARG A 30 -16.13 22.79 3.22
CA ARG A 30 -17.55 22.84 3.53
C ARG A 30 -18.39 22.55 2.31
N LYS A 31 -17.93 22.96 1.12
CA LYS A 31 -18.68 22.68 -0.09
C LYS A 31 -18.79 21.18 -0.32
N THR A 32 -17.65 20.47 -0.26
CA THR A 32 -17.72 19.05 -0.58
C THR A 32 -18.37 18.27 0.57
N LYS A 33 -18.26 18.74 1.81
CA LYS A 33 -19.05 18.15 2.89
C LYS A 33 -20.54 18.31 2.63
N THR A 34 -20.96 19.51 2.19
CA THR A 34 -22.37 19.75 1.89
C THR A 34 -22.85 18.82 0.77
N GLU A 35 -22.04 18.72 -0.31
CA GLU A 35 -22.34 17.81 -1.41
C GLU A 35 -22.49 16.38 -0.91
N MET A 36 -21.62 15.96 0.00
CA MET A 36 -21.66 14.57 0.43
C MET A 36 -22.87 14.30 1.31
N ASN A 37 -23.25 15.28 2.15
CA ASN A 37 -24.45 15.13 2.97
C ASN A 37 -25.70 14.90 2.12
N ALA A 38 -25.74 15.45 0.90
CA ALA A 38 -26.93 15.36 0.06
C ALA A 38 -27.00 14.09 -0.78
N MET A 39 -25.96 13.26 -0.78
CA MET A 39 -25.93 12.06 -1.60
C MET A 39 -26.98 11.05 -1.15
N THR A 40 -27.49 10.29 -2.12
CA THR A 40 -28.34 9.16 -1.81
C THR A 40 -27.53 8.07 -1.08
N HIS A 41 -28.25 7.11 -0.49
CA HIS A 41 -27.63 5.91 0.05
C HIS A 41 -26.70 5.27 -0.96
N ASP A 42 -27.17 5.14 -2.20
CA ASP A 42 -26.38 4.47 -3.23
C ASP A 42 -25.11 5.26 -3.56
N GLU A 43 -25.25 6.56 -3.80
CA GLU A 43 -24.09 7.39 -4.14
C GLU A 43 -23.05 7.36 -3.03
N PHE A 44 -23.52 7.51 -1.80
CA PHE A 44 -22.63 7.52 -0.65
C PHE A 44 -21.93 6.18 -0.49
N ASP A 45 -22.66 5.10 -0.77
CA ASP A 45 -22.08 3.76 -0.75
C ASP A 45 -20.97 3.63 -1.79
N ARG A 46 -21.29 3.94 -3.05
CA ARG A 46 -20.29 3.89 -4.11
C ARG A 46 -19.04 4.67 -3.74
N MET A 47 -19.24 5.80 -3.09
CA MET A 47 -18.13 6.67 -2.77
C MET A 47 -17.38 6.22 -1.52
N LYS A 48 -18.02 5.45 -0.65
CA LYS A 48 -17.46 5.08 0.65
C LYS A 48 -16.41 3.97 0.57
N PRO A 62 -5.80 -6.38 16.79
CA PRO A 62 -6.79 -5.89 17.74
C PRO A 62 -7.71 -4.84 17.13
N SER A 63 -7.36 -4.39 15.92
CA SER A 63 -8.03 -3.31 15.22
C SER A 63 -7.34 -3.11 13.88
N LYS A 64 -8.01 -2.39 12.97
CA LYS A 64 -7.43 -2.13 11.66
C LYS A 64 -6.34 -1.06 11.73
N GLY A 65 -6.41 -0.17 12.72
CA GLY A 65 -5.39 0.85 12.85
C GLY A 65 -3.97 0.32 12.83
N TYR A 66 -3.77 -0.90 13.34
CA TYR A 66 -2.47 -1.56 13.29
C TYR A 66 -1.85 -1.39 11.90
N ASP A 67 -2.55 -1.88 10.87
CA ASP A 67 -1.96 -1.82 9.54
C ASP A 67 -1.79 -0.39 9.08
N LYS A 68 -2.74 0.49 9.44
CA LYS A 68 -2.60 1.89 9.09
C LYS A 68 -1.28 2.44 9.62
N LEU A 69 -1.01 2.22 10.92
CA LEU A 69 0.22 2.80 11.46
C LEU A 69 1.44 2.18 10.82
N ARG A 70 1.35 0.88 10.47
CA ARG A 70 2.48 0.25 9.81
C ARG A 70 2.84 1.03 8.56
N VAL A 71 1.84 1.31 7.72
CA VAL A 71 2.09 2.05 6.49
C VAL A 71 2.75 3.38 6.82
N LEU A 72 2.18 4.09 7.81
CA LEU A 72 2.70 5.41 8.14
C LEU A 72 4.13 5.32 8.64
N LEU A 73 4.40 4.37 9.54
CA LEU A 73 5.76 4.31 10.07
C LEU A 73 6.72 3.90 8.96
N ASP A 74 6.23 3.13 7.98
CA ASP A 74 7.12 2.78 6.89
C ASP A 74 7.40 3.99 6.01
N LEU A 75 6.41 4.89 5.86
CA LEU A 75 6.64 6.12 5.12
C LEU A 75 7.70 6.99 5.78
N MET A 76 7.80 6.91 7.10
CA MET A 76 8.79 7.65 7.87
C MET A 76 10.12 6.90 8.00
N ASP A 77 10.33 5.89 7.15
CA ASP A 77 11.58 5.13 7.13
C ASP A 77 11.85 4.40 8.45
N ARG A 78 10.78 3.87 9.04
CA ARG A 78 10.88 2.98 10.20
C ARG A 78 11.78 3.53 11.33
N PRO A 79 11.42 4.66 11.92
CA PRO A 79 12.26 5.21 12.99
C PRO A 79 12.20 4.36 14.26
N ARG A 80 13.28 4.46 15.04
CA ARG A 80 13.27 3.90 16.38
C ARG A 80 12.37 4.74 17.27
N LEU A 81 11.44 4.10 17.97
CA LEU A 81 10.35 4.84 18.59
C LEU A 81 10.64 5.20 20.04
N GLY A 82 11.26 4.30 20.80
CA GLY A 82 11.58 4.62 22.18
C GLY A 82 10.34 4.88 22.99
N THR A 83 10.46 5.81 23.94
CA THR A 83 9.35 6.17 24.81
C THR A 83 8.24 6.81 23.99
N THR A 84 7.09 6.14 23.97
CA THR A 84 5.98 6.47 23.09
C THR A 84 4.71 6.65 23.89
N VAL A 85 3.94 7.69 23.57
CA VAL A 85 2.61 7.87 24.11
C VAL A 85 1.63 7.84 22.94
N ASP A 86 0.52 7.11 23.11
CA ASP A 86 -0.49 6.88 22.07
C ASP A 86 -1.78 7.50 22.60
N LEU A 87 -2.08 8.70 22.12
CA LEU A 87 -3.23 9.46 22.58
C LEU A 87 -4.49 9.02 21.82
N CYS A 88 -5.60 8.90 22.55
CA CYS A 88 -6.85 8.36 22.00
C CYS A 88 -6.59 6.94 21.45
N ALA A 89 -6.07 6.10 22.32
CA ALA A 89 -5.58 4.79 21.91
C ALA A 89 -6.69 3.85 21.50
N GLY A 90 -7.92 4.08 21.96
CA GLY A 90 -9.04 3.29 21.51
C GLY A 90 -8.85 1.82 21.82
N ARG A 91 -9.04 0.98 20.81
CA ARG A 91 -8.94 -0.45 21.00
C ARG A 91 -7.51 -0.95 21.03
N GLY A 92 -6.55 -0.13 20.59
CA GLY A 92 -5.15 -0.38 20.82
C GLY A 92 -4.34 -0.89 19.64
N GLY A 93 -4.85 -0.77 18.42
CA GLY A 93 -4.08 -1.26 17.27
C GLY A 93 -2.71 -0.60 17.16
N TRP A 94 -2.66 0.72 17.36
CA TRP A 94 -1.38 1.43 17.26
C TRP A 94 -0.44 1.02 18.38
N SER A 95 -0.94 0.99 19.61
CA SER A 95 -0.10 0.58 20.73
C SER A 95 0.40 -0.85 20.55
N GLU A 96 -0.47 -1.74 20.07
CA GLU A 96 -0.05 -3.12 19.78
C GLU A 96 1.07 -3.14 18.74
N LEU A 97 0.97 -2.29 17.72
CA LEU A 97 2.04 -2.25 16.73
C LEU A 97 3.36 -1.82 17.36
N VAL A 98 3.33 -0.77 18.18
CA VAL A 98 4.57 -0.34 18.84
C VAL A 98 5.12 -1.47 19.70
N LYS A 99 4.25 -2.15 20.45
CA LYS A 99 4.70 -3.25 21.31
C LYS A 99 5.38 -4.35 20.49
N ASP A 100 4.77 -4.73 19.36
CA ASP A 100 5.39 -5.74 18.51
C ASP A 100 6.72 -5.27 17.95
N LEU A 101 6.86 -3.98 17.71
CA LEU A 101 8.08 -3.48 17.10
C LEU A 101 9.23 -3.43 18.11
N GLU A 102 8.94 -3.08 19.37
CA GLU A 102 10.02 -2.73 20.30
C GLU A 102 9.81 -3.23 21.71
N GLY A 103 8.69 -3.88 22.03
CA GLY A 103 8.43 -4.33 23.37
C GLY A 103 7.44 -3.43 24.08
N PRO A 104 6.84 -3.93 25.16
CA PRO A 104 5.83 -3.14 25.88
C PRO A 104 6.41 -2.09 26.81
N LYS A 105 7.74 -1.98 26.92
CA LYS A 105 8.34 -1.14 27.96
C LYS A 105 8.15 0.34 27.69
N GLY A 106 8.26 0.76 26.44
CA GLY A 106 8.25 2.18 26.13
C GLY A 106 6.92 2.74 25.70
N ILE A 107 5.84 1.97 25.73
CA ILE A 107 4.57 2.34 25.12
C ILE A 107 3.56 2.61 26.22
N THR A 108 2.91 3.78 26.17
CA THR A 108 1.83 4.14 27.09
C THR A 108 0.61 4.56 26.30
N ALA A 109 -0.56 4.01 26.64
CA ALA A 109 -1.78 4.27 25.90
C ALA A 109 -2.75 5.09 26.73
N VAL A 110 -3.35 6.11 26.11
CA VAL A 110 -4.27 7.01 26.80
C VAL A 110 -5.59 7.06 26.04
N SER A 111 -6.68 6.78 26.74
CA SER A 111 -8.00 6.81 26.12
C SER A 111 -9.05 6.84 27.22
N LEU A 112 -10.29 7.16 26.83
CA LEU A 112 -11.46 7.06 27.71
C LEU A 112 -12.18 5.75 27.41
N TRP A 113 -12.15 4.82 28.37
CA TRP A 113 -12.79 3.53 28.19
C TRP A 113 -14.06 3.42 29.01
N GLU A 118 -12.85 2.15 22.69
CA GLU A 118 -13.85 1.37 23.39
C GLU A 118 -13.98 0.07 22.60
N GLU A 119 -13.42 -1.00 23.10
CA GLU A 119 -12.72 -1.12 24.35
C GLU A 119 -11.40 -1.79 24.09
N TRP A 120 -10.49 -1.83 25.04
CA TRP A 120 -9.18 -2.43 24.81
C TRP A 120 -9.10 -3.84 24.21
N MET A 121 -8.60 -3.95 22.99
CA MET A 121 -8.43 -5.23 22.31
C MET A 121 -6.99 -5.68 22.27
N ALA A 122 -6.07 -4.95 22.89
CA ALA A 122 -4.66 -5.17 22.67
C ALA A 122 -4.05 -5.91 23.87
N ASP A 123 -2.76 -6.23 23.72
CA ASP A 123 -1.95 -6.89 24.74
C ASP A 123 -2.20 -6.25 26.10
N PRO A 124 -2.62 -7.02 27.10
CA PRO A 124 -2.98 -6.42 28.40
C PRO A 124 -1.79 -5.97 29.22
N ALA A 125 -0.56 -6.31 28.82
CA ALA A 125 0.62 -5.82 29.50
C ALA A 125 0.98 -4.39 29.11
N ILE A 126 0.34 -3.82 28.10
CA ILE A 126 0.63 -2.45 27.70
C ILE A 126 0.11 -1.50 28.77
N HIS A 127 0.97 -0.61 29.25
CA HIS A 127 0.55 0.34 30.27
C HIS A 127 -0.52 1.29 29.70
N ARG A 128 -1.57 1.52 30.48
CA ARG A 128 -2.69 2.31 30.01
C ARG A 128 -3.09 3.30 31.08
N ILE A 129 -3.51 4.49 30.63
CA ILE A 129 -4.09 5.51 31.48
C ILE A 129 -5.48 5.79 30.94
N ASN A 130 -6.49 5.67 31.79
CA ASN A 130 -7.86 6.01 31.44
C ASN A 130 -8.05 7.49 31.79
N ALA A 131 -7.90 8.35 30.78
CA ALA A 131 -8.02 9.78 31.01
C ALA A 131 -8.43 10.47 29.72
N ASN A 132 -9.02 11.66 29.89
CA ASN A 132 -9.34 12.53 28.77
C ASN A 132 -8.07 13.24 28.32
N VAL A 133 -7.70 13.07 27.05
CA VAL A 133 -6.46 13.67 26.55
C VAL A 133 -6.47 15.19 26.68
N LYS A 134 -7.64 15.80 26.85
CA LYS A 134 -7.69 17.24 27.06
C LYS A 134 -7.27 17.64 28.47
N HIS A 135 -7.44 16.75 29.44
CA HIS A 135 -7.08 17.07 30.83
C HIS A 135 -5.64 16.72 31.15
N LEU A 136 -5.12 15.63 30.59
CA LEU A 136 -3.85 15.08 31.01
C LEU A 136 -2.69 16.00 30.65
N ARG A 137 -1.89 16.35 31.65
CA ARG A 137 -0.72 17.19 31.43
C ARG A 137 0.34 16.41 30.68
N PRO A 138 0.99 17.01 29.69
CA PRO A 138 1.95 16.26 28.85
C PRO A 138 3.25 15.98 29.57
N TRP A 139 3.99 15.01 29.05
CA TRP A 139 5.36 14.79 29.48
C TRP A 139 6.25 14.52 28.27
N GLN A 140 7.54 14.46 28.54
CA GLN A 140 8.52 14.37 27.47
C GLN A 140 8.58 12.94 26.93
N VAL A 141 8.40 12.81 25.61
CA VAL A 141 8.37 11.52 24.94
C VAL A 141 9.31 11.57 23.73
N ASP A 142 9.77 10.40 23.31
CA ASP A 142 10.47 10.33 22.03
C ASP A 142 9.48 10.36 20.88
N THR A 143 8.35 9.68 21.03
CA THR A 143 7.38 9.49 19.94
C THR A 143 5.99 9.86 20.42
N LEU A 144 5.26 10.62 19.61
CA LEU A 144 3.90 11.04 19.91
C LEU A 144 2.96 10.47 18.87
N LEU A 145 1.98 9.67 19.30
CA LEU A 145 0.95 9.14 18.43
C LEU A 145 -0.38 9.73 18.81
N PHE A 146 -1.20 10.03 17.81
CA PHE A 146 -2.54 10.57 18.04
C PHE A 146 -3.47 10.08 16.94
N ASP A 147 -4.54 9.38 17.32
CA ASP A 147 -5.48 8.85 16.35
C ASP A 147 -6.90 9.22 16.74
N GLY A 148 -7.07 10.37 17.37
CA GLY A 148 -8.39 10.83 17.70
C GLY A 148 -9.04 11.57 16.56
N GLY A 149 -10.34 11.71 16.64
CA GLY A 149 -11.10 12.38 15.59
C GLY A 149 -12.30 11.54 15.20
N GLU A 150 -13.38 12.23 14.85
CA GLU A 150 -14.60 11.54 14.46
C GLU A 150 -15.25 12.29 13.31
N ALA A 151 -15.68 11.56 12.30
CA ALA A 151 -16.52 12.12 11.27
C ALA A 151 -17.95 12.21 11.79
N PHE A 152 -18.56 13.37 11.63
CA PHE A 152 -19.95 13.53 12.08
C PHE A 152 -20.91 13.11 10.98
N LYS A 153 -22.12 12.76 11.38
CA LYS A 153 -23.11 12.37 10.38
C LYS A 153 -23.88 13.57 9.85
N ARG A 154 -24.62 13.32 8.78
CA ARG A 154 -25.06 14.38 7.86
C ARG A 154 -26.00 15.39 8.51
N ASP A 155 -26.76 14.98 9.53
CA ASP A 155 -27.85 15.84 10.02
C ASP A 155 -27.36 17.05 10.81
N GLN A 156 -26.07 17.14 11.17
CA GLN A 156 -25.51 18.18 12.02
C GLN A 156 -25.08 19.42 11.21
N ASN A 157 -25.12 20.56 11.89
CA ASN A 157 -24.50 21.77 11.35
C ASN A 157 -23.00 21.52 11.19
N LEU A 158 -22.42 22.03 10.08
CA LEU A 158 -21.05 21.66 9.72
C LEU A 158 -20.05 22.09 10.79
N ARG A 159 -20.38 23.17 11.46
CA ARG A 159 -19.49 23.74 12.47
C ARG A 159 -19.32 22.81 13.66
N LYS A 160 -20.30 21.96 13.94
CA LYS A 160 -20.16 21.06 15.09
C LYS A 160 -18.98 20.10 14.91
N GLU A 161 -18.93 19.42 13.77
CA GLU A 161 -17.78 18.57 13.47
C GLU A 161 -16.49 19.39 13.46
N GLU A 162 -16.53 20.58 12.85
CA GLU A 162 -15.31 21.38 12.83
C GLU A 162 -14.80 21.67 14.24
N ASN A 163 -15.69 22.12 15.12
CA ASN A 163 -15.30 22.52 16.48
C ASN A 163 -14.85 21.33 17.31
N PHE A 164 -15.56 20.20 17.19
CA PHE A 164 -15.20 18.99 17.93
C PHE A 164 -13.77 18.56 17.61
N ASN A 165 -13.45 18.46 16.32
CA ASN A 165 -12.13 17.96 15.98
C ASN A 165 -11.04 18.99 16.25
N ASP A 166 -11.36 20.29 16.08
CA ASP A 166 -10.44 21.35 16.49
C ASP A 166 -10.06 21.23 17.97
N SER A 167 -11.06 21.02 18.82
CA SER A 167 -10.78 20.92 20.26
C SER A 167 -9.87 19.72 20.55
N LEU A 168 -10.15 18.60 19.88
CA LEU A 168 -9.28 17.43 20.05
C LEU A 168 -7.83 17.75 19.67
N LEU A 169 -7.60 18.38 18.52
CA LEU A 169 -6.24 18.73 18.10
C LEU A 169 -5.58 19.69 19.08
N ASP A 170 -6.37 20.61 19.64
CA ASP A 170 -5.83 21.49 20.65
C ASP A 170 -5.23 20.71 21.79
N ALA A 171 -5.84 19.57 22.13
CA ALA A 171 -5.21 18.72 23.15
C ALA A 171 -3.78 18.31 22.74
N VAL A 172 -3.56 18.02 21.46
CA VAL A 172 -2.24 17.58 21.01
C VAL A 172 -1.21 18.71 21.14
N ASP A 173 -1.68 19.95 21.00
CA ASP A 173 -0.79 21.12 21.00
C ASP A 173 0.15 21.14 22.20
N ALA A 174 -0.36 20.85 23.40
CA ALA A 174 0.49 20.95 24.59
C ALA A 174 1.63 19.94 24.56
N TRP A 175 1.41 18.77 23.98
CA TRP A 175 2.49 17.80 23.85
C TRP A 175 3.50 18.26 22.81
N MET A 176 3.05 18.93 21.75
CA MET A 176 4.00 19.39 20.74
C MET A 176 4.84 20.59 21.21
N MET A 177 4.28 21.47 22.02
CA MET A 177 4.90 22.76 22.35
C MET A 177 5.67 22.76 23.67
N GLN A 178 5.89 21.60 24.26
CA GLN A 178 6.66 21.51 25.48
C GLN A 178 8.13 21.79 25.16
N PRO A 179 8.98 22.01 26.18
CA PRO A 179 10.38 22.39 25.90
C PRO A 179 11.12 21.44 24.98
N VAL A 180 11.02 20.13 25.19
CA VAL A 180 11.62 19.15 24.29
C VAL A 180 10.51 18.43 23.56
N PRO A 181 10.23 18.78 22.29
CA PRO A 181 9.11 18.18 21.57
C PRO A 181 9.42 16.75 21.14
N PRO A 182 8.40 15.98 20.77
CA PRO A 182 8.65 14.61 20.32
C PRO A 182 9.53 14.58 19.09
N ARG A 183 10.46 13.63 19.07
CA ARG A 183 11.31 13.47 17.90
C ARG A 183 10.55 12.83 16.75
N ASN A 184 9.70 11.84 17.03
CA ASN A 184 8.81 11.27 16.04
C ASN A 184 7.38 11.60 16.42
N PHE A 185 6.54 11.84 15.41
CA PHE A 185 5.13 12.03 15.69
C PHE A 185 4.30 11.54 14.51
N VAL A 186 3.13 11.00 14.81
CA VAL A 186 2.13 10.62 13.81
C VAL A 186 0.82 11.18 14.34
N ILE A 187 0.34 12.26 13.73
CA ILE A 187 -0.83 12.95 14.25
C ILE A 187 -1.92 12.93 13.18
N LYS A 188 -3.05 12.33 13.51
CA LYS A 188 -4.15 12.28 12.55
C LYS A 188 -4.88 13.63 12.57
N ILE A 189 -5.12 14.18 11.39
CA ILE A 189 -5.84 15.44 11.22
C ILE A 189 -7.16 15.09 10.54
N GLN A 190 -8.20 14.96 11.35
CA GLN A 190 -9.51 14.56 10.87
C GLN A 190 -10.09 15.59 9.91
N VAL A 191 -10.01 16.88 10.25
CA VAL A 191 -10.59 17.98 9.49
C VAL A 191 -9.48 19.00 9.24
N PRO A 192 -8.70 18.81 8.18
CA PRO A 192 -7.46 19.57 8.02
C PRO A 192 -7.63 20.97 7.48
N TYR A 193 -8.85 21.37 7.10
CA TYR A 193 -9.07 22.64 6.43
C TYR A 193 -9.59 23.75 7.34
N THR A 194 -9.80 23.48 8.63
CA THR A 194 -10.18 24.56 9.52
C THR A 194 -8.98 25.50 9.73
N GLN A 195 -9.29 26.74 10.14
CA GLN A 195 -8.22 27.71 10.36
C GLN A 195 -7.32 27.28 11.51
N LYS A 196 -7.91 26.69 12.54
CA LYS A 196 -7.13 26.26 13.68
C LYS A 196 -6.23 25.08 13.32
N ALA A 197 -6.72 24.14 12.52
CA ALA A 197 -5.89 23.00 12.16
C ALA A 197 -4.68 23.46 11.37
N ILE A 198 -4.89 24.35 10.39
CA ILE A 198 -3.78 24.83 9.57
C ILE A 198 -2.80 25.63 10.43
N ALA A 199 -3.31 26.51 11.31
CA ALA A 199 -2.42 27.28 12.17
C ALA A 199 -1.60 26.39 13.09
N LEU A 200 -2.24 25.37 13.67
CA LEU A 200 -1.54 24.42 14.52
C LEU A 200 -0.43 23.72 13.74
N LEU A 201 -0.73 23.24 12.53
CA LEU A 201 0.27 22.54 11.75
C LEU A 201 1.45 23.44 11.41
N GLU A 202 1.17 24.69 11.02
CA GLU A 202 2.24 25.65 10.75
C GLU A 202 3.09 25.88 12.00
N LYS A 203 2.44 26.00 13.16
CA LYS A 203 3.17 26.23 14.40
C LYS A 203 4.04 25.03 14.75
N TRP A 204 3.51 23.81 14.65
CA TRP A 204 4.31 22.63 14.96
C TRP A 204 5.49 22.51 14.01
N GLN A 205 5.33 22.94 12.76
CA GLN A 205 6.45 22.98 11.84
C GLN A 205 7.53 23.95 12.30
N VAL A 206 7.13 25.14 12.78
CA VAL A 206 8.14 26.06 13.33
C VAL A 206 8.80 25.47 14.57
N LYS A 207 8.00 24.88 15.47
CA LYS A 207 8.53 24.35 16.73
C LYS A 207 9.51 23.21 16.49
N THR A 208 9.17 22.28 15.61
CA THR A 208 9.97 21.08 15.45
C THR A 208 10.98 21.15 14.31
N GLY A 209 10.81 22.09 13.37
CA GLY A 209 11.62 22.04 12.17
C GLY A 209 11.35 20.84 11.28
N LYS A 210 10.24 20.13 11.50
CA LYS A 210 9.87 18.91 10.79
C LYS A 210 8.42 18.98 10.34
N GLY A 211 8.04 18.02 9.51
CA GLY A 211 6.61 17.77 9.42
C GLY A 211 6.07 17.87 8.02
N ARG A 212 5.31 16.85 7.63
CA ARG A 212 4.64 16.84 6.35
C ARG A 212 3.25 16.26 6.53
N LEU A 213 2.29 16.89 5.86
CA LEU A 213 0.89 16.48 5.91
C LEU A 213 0.60 15.63 4.67
N VAL A 214 0.13 14.41 4.88
CA VAL A 214 -0.07 13.48 3.77
C VAL A 214 -1.51 13.01 3.74
N ARG A 215 -1.96 12.70 2.54
CA ARG A 215 -3.21 12.00 2.29
C ARG A 215 -2.88 10.60 1.83
N LEU A 216 -3.29 9.60 2.60
CA LEU A 216 -3.02 8.22 2.23
C LEU A 216 -3.87 7.82 1.04
N ALA A 217 -3.23 7.35 -0.02
CA ALA A 217 -3.98 6.71 -1.09
C ALA A 217 -4.64 5.46 -0.52
N GLY A 218 -5.93 5.32 -0.78
CA GLY A 218 -6.65 4.18 -0.25
C GLY A 218 -7.41 4.44 1.04
N ASP A 219 -7.28 5.62 1.64
CA ASP A 219 -8.23 6.01 2.66
C ASP A 219 -9.59 6.25 2.01
N ARG A 220 -10.65 6.12 2.79
CA ARG A 220 -11.99 6.28 2.26
C ARG A 220 -12.19 7.69 1.73
N LEU A 221 -12.92 7.80 0.62
CA LEU A 221 -13.23 9.13 0.11
C LEU A 221 -14.32 9.81 0.93
N SER A 222 -15.01 9.07 1.80
CA SER A 222 -16.07 9.61 2.63
C SER A 222 -15.54 10.38 3.83
N ASN A 223 -14.22 10.51 3.99
CA ASN A 223 -13.66 11.30 5.06
C ASN A 223 -12.57 12.18 4.51
N THR A 224 -12.02 13.00 5.37
CA THR A 224 -11.14 14.08 4.95
C THR A 224 -9.81 13.97 5.71
N VAL A 225 -9.52 12.75 6.15
CA VAL A 225 -8.38 12.45 7.03
C VAL A 225 -7.06 12.69 6.31
N MET A 226 -6.14 13.39 7.00
CA MET A 226 -4.73 13.44 6.62
C MET A 226 -3.90 13.10 7.86
N TYR A 227 -2.60 12.85 7.66
CA TYR A 227 -1.71 12.55 8.79
C TYR A 227 -0.51 13.50 8.73
N PHE A 228 -0.16 14.04 9.88
CA PHE A 228 1.00 14.90 10.05
C PHE A 228 2.14 14.03 10.58
N LEU A 229 3.16 13.85 9.77
CA LEU A 229 4.27 12.95 10.07
C LEU A 229 5.56 13.72 10.24
N SER A 230 6.38 13.27 11.19
CA SER A 230 7.69 13.86 11.43
C SER A 230 8.73 13.45 10.38
N VAL A 231 8.39 13.56 9.11
CA VAL A 231 9.38 13.42 8.05
C VAL A 231 9.92 14.80 7.73
N ARG A 232 10.75 14.89 6.70
CA ARG A 232 11.35 16.16 6.34
C ARG A 232 10.28 17.22 6.07
N LEU A 233 10.54 18.42 6.61
CA LEU A 233 9.69 19.59 6.47
C LEU A 233 9.12 19.75 5.07
N GLU A 234 7.80 19.85 4.97
CA GLU A 234 7.12 20.24 3.75
C GLU A 234 6.13 21.37 4.07
N THR A 235 6.41 22.56 3.57
CA THR A 235 5.69 23.75 3.96
C THR A 235 4.54 24.02 2.99
N GLN A 236 3.95 25.23 3.08
CA GLN A 236 2.76 25.61 2.31
C GLN A 236 1.62 24.63 2.55
N ILE A 237 1.38 24.33 3.83
CA ILE A 237 0.32 23.39 4.20
C ILE A 237 -1.04 23.88 3.71
N ARG A 238 -1.30 25.19 3.81
CA ARG A 238 -2.61 25.70 3.41
C ARG A 238 -2.91 25.39 1.94
N GLY A 239 -1.96 25.68 1.05
CA GLY A 239 -2.18 25.41 -0.36
C GLY A 239 -2.31 23.93 -0.68
N ARG A 240 -1.58 23.10 0.06
CA ARG A 240 -1.66 21.67 -0.20
C ARG A 240 -2.99 21.08 0.32
N VAL A 241 -3.51 21.61 1.42
CA VAL A 241 -4.84 21.23 1.86
C VAL A 241 -5.88 21.67 0.84
N THR A 242 -5.71 22.85 0.25
CA THR A 242 -6.62 23.27 -0.81
C THR A 242 -6.58 22.28 -1.97
N THR A 243 -5.39 21.93 -2.44
CA THR A 243 -5.30 20.92 -3.50
C THR A 243 -5.98 19.63 -3.08
N PHE A 244 -5.79 19.22 -1.83
CA PHE A 244 -6.38 17.96 -1.38
C PHE A 244 -7.89 18.02 -1.39
N VAL A 245 -8.49 19.10 -0.88
CA VAL A 245 -9.94 19.14 -0.81
C VAL A 245 -10.55 19.23 -2.21
N ARG A 246 -9.94 20.03 -3.11
CA ARG A 246 -10.44 20.10 -4.47
C ARG A 246 -10.37 18.73 -5.15
N GLU A 247 -9.21 18.08 -5.08
CA GLU A 247 -9.03 16.75 -5.64
C GLU A 247 -10.06 15.76 -5.07
N LEU A 248 -10.26 15.78 -3.76
CA LEU A 248 -11.22 14.90 -3.12
C LEU A 248 -12.62 15.13 -3.67
N ALA A 249 -13.03 16.40 -3.79
CA ALA A 249 -14.33 16.71 -4.36
C ALA A 249 -14.47 16.11 -5.76
N GLU A 250 -13.42 16.26 -6.58
CA GLU A 250 -13.42 15.65 -7.91
C GLU A 250 -13.65 14.15 -7.83
N ARG A 251 -12.87 13.45 -7.01
CA ARG A 251 -12.98 12.00 -7.00
C ARG A 251 -14.31 11.53 -6.43
N ARG A 252 -14.89 12.29 -5.51
CA ARG A 252 -16.23 11.96 -5.04
C ARG A 252 -17.25 12.10 -6.16
N LYS A 253 -17.13 13.17 -6.96
CA LYS A 253 -18.04 13.37 -8.08
C LYS A 253 -17.89 12.25 -9.10
N ASP A 254 -16.65 11.95 -9.49
CA ASP A 254 -16.36 10.89 -10.45
C ASP A 254 -17.10 9.59 -10.13
N ARG A 255 -17.03 9.16 -8.87
CA ARG A 255 -17.51 7.82 -8.50
C ARG A 255 -19.04 7.73 -8.43
N SER A 256 -19.74 8.58 -9.16
CA SER A 256 -21.20 8.59 -9.16
C SER A 256 -21.76 7.79 -10.34
N LEU A 257 -23.01 7.33 -10.19
CA LEU A 257 -23.82 6.73 -11.26
C LEU A 257 -24.23 7.82 -12.26
N THR A 258 -24.56 7.45 -13.50
CA THR A 258 -24.36 6.10 -14.00
C THR A 258 -23.16 6.05 -14.95
N GLU B 6 10.44 -8.89 10.94
CA GLU B 6 9.73 -7.66 11.03
C GLU B 6 8.29 -7.64 10.58
N VAL B 7 7.53 -6.81 11.27
CA VAL B 7 6.13 -6.66 11.02
C VAL B 7 5.91 -5.94 9.75
N TYR B 8 6.93 -5.29 9.24
CA TYR B 8 6.81 -4.51 8.04
C TYR B 8 6.80 -5.36 6.82
N LYS B 9 6.41 -6.61 6.95
CA LYS B 9 6.70 -7.48 5.83
C LYS B 9 5.48 -8.33 5.47
N GLY B 10 4.54 -8.43 6.40
CA GLY B 10 3.33 -9.22 6.19
C GLY B 10 2.47 -8.63 5.09
N ASP B 11 1.74 -9.43 4.35
CA ASP B 11 0.85 -8.96 3.26
C ASP B 11 -0.63 -8.75 3.63
N GLY B 12 -0.90 -8.45 4.89
CA GLY B 12 -2.26 -8.33 5.35
C GLY B 12 -3.17 -7.43 4.57
N TYR B 13 -2.72 -6.31 4.03
CA TYR B 13 -3.63 -5.47 3.26
C TYR B 13 -3.56 -5.43 1.74
N LYS B 14 -2.48 -5.88 1.13
CA LYS B 14 -2.39 -5.83 -0.33
C LYS B 14 -3.09 -6.97 -1.11
N VAL B 15 -3.35 -8.09 -0.47
CA VAL B 15 -3.97 -9.20 -1.15
C VAL B 15 -5.09 -9.91 -0.43
N TRP B 16 -6.01 -10.48 -1.16
CA TRP B 16 -7.05 -11.25 -0.51
C TRP B 16 -6.45 -12.42 0.24
N LYS B 17 -7.02 -12.74 1.38
CA LYS B 17 -6.71 -14.00 2.05
C LYS B 17 -7.49 -15.09 1.35
N LEU B 18 -6.80 -16.11 0.88
CA LEU B 18 -7.42 -17.21 0.14
C LEU B 18 -6.95 -18.53 0.74
N GLU B 19 -7.71 -19.03 1.65
CA GLU B 19 -7.51 -20.40 2.07
C GLU B 19 -8.27 -21.34 1.15
N PRO B 20 -7.78 -22.55 0.91
CA PRO B 20 -8.45 -23.44 -0.04
C PRO B 20 -9.83 -23.85 0.46
N SER B 21 -10.75 -24.03 -0.49
CA SER B 21 -12.10 -24.45 -0.17
C SER B 21 -12.58 -25.43 -1.22
N LEU B 22 -13.68 -26.13 -0.90
CA LEU B 22 -14.25 -27.13 -1.77
C LEU B 22 -15.00 -26.49 -2.93
N GLY B 23 -14.93 -27.11 -4.09
CA GLY B 23 -15.71 -26.67 -5.24
C GLY B 23 -14.96 -26.91 -6.52
N ASP B 24 -15.68 -26.75 -7.64
CA ASP B 24 -15.12 -26.85 -8.97
C ASP B 24 -14.84 -25.45 -9.49
N PRO B 25 -13.57 -25.03 -9.59
CA PRO B 25 -13.28 -23.64 -9.98
C PRO B 25 -13.78 -23.27 -11.36
N LEU B 26 -13.71 -24.18 -12.33
CA LEU B 26 -14.18 -23.84 -13.67
C LEU B 26 -15.68 -23.60 -13.68
N GLU B 27 -16.44 -24.43 -12.97
CA GLU B 27 -17.89 -24.27 -12.91
C GLU B 27 -18.27 -22.96 -12.22
N LEU B 28 -17.64 -22.66 -11.08
CA LEU B 28 -17.86 -21.41 -10.38
C LEU B 28 -17.48 -20.20 -11.24
N GLY B 29 -16.32 -20.28 -11.90
CA GLY B 29 -15.89 -19.17 -12.74
C GLY B 29 -16.85 -18.89 -13.89
N ARG B 30 -17.31 -19.94 -14.56
CA ARG B 30 -18.29 -19.75 -15.63
C ARG B 30 -19.60 -19.21 -15.07
N LYS B 31 -19.99 -19.67 -13.87
CA LYS B 31 -21.20 -19.18 -13.24
C LYS B 31 -21.13 -17.67 -12.99
N THR B 32 -20.04 -17.19 -12.39
CA THR B 32 -19.99 -15.77 -12.08
C THR B 32 -19.79 -14.91 -13.33
N LYS B 33 -19.09 -15.42 -14.35
CA LYS B 33 -19.02 -14.67 -15.60
C LYS B 33 -20.39 -14.59 -16.26
N THR B 34 -21.15 -15.68 -16.23
CA THR B 34 -22.51 -15.68 -16.76
C THR B 34 -23.36 -14.64 -16.04
N GLU B 35 -23.30 -14.61 -14.71
CA GLU B 35 -24.11 -13.66 -13.97
C GLU B 35 -23.69 -12.22 -14.24
N MET B 36 -22.39 -11.95 -14.30
CA MET B 36 -21.96 -10.60 -14.64
C MET B 36 -22.43 -10.20 -16.03
N ASN B 37 -22.40 -11.14 -16.99
CA ASN B 37 -22.86 -10.83 -18.34
C ASN B 37 -24.35 -10.45 -18.35
N ALA B 38 -25.14 -11.06 -17.47
CA ALA B 38 -26.57 -10.80 -17.41
C ALA B 38 -26.91 -9.52 -16.64
N MET B 39 -25.93 -8.87 -16.01
CA MET B 39 -26.21 -7.69 -15.22
C MET B 39 -26.73 -6.56 -16.09
N THR B 40 -27.69 -5.81 -15.56
CA THR B 40 -28.14 -4.61 -16.26
C THR B 40 -27.03 -3.55 -16.29
N HIS B 41 -27.22 -2.56 -17.15
CA HIS B 41 -26.28 -1.45 -17.22
C HIS B 41 -26.06 -0.84 -15.84
N ASP B 42 -27.13 -0.69 -15.06
CA ASP B 42 -26.98 -0.15 -13.72
C ASP B 42 -26.15 -1.09 -12.85
N GLU B 43 -26.65 -2.32 -12.65
CA GLU B 43 -25.95 -3.30 -11.80
C GLU B 43 -24.47 -3.35 -12.11
N PHE B 44 -24.13 -3.40 -13.39
CA PHE B 44 -22.74 -3.51 -13.81
C PHE B 44 -21.98 -2.21 -13.54
N ASP B 45 -22.62 -1.08 -13.81
CA ASP B 45 -21.97 0.21 -13.61
C ASP B 45 -21.58 0.40 -12.15
N ARG B 46 -22.52 0.15 -11.26
CA ARG B 46 -22.26 0.26 -9.83
C ARG B 46 -21.15 -0.68 -9.38
N MET B 47 -21.04 -1.84 -10.01
CA MET B 47 -20.00 -2.81 -9.69
C MET B 47 -18.69 -2.32 -10.31
N LYS B 48 -17.88 -1.65 -9.48
CA LYS B 48 -16.59 -0.98 -9.79
C LYS B 48 -16.59 0.38 -9.09
N GLY B 59 -0.96 10.06 -14.67
CA GLY B 59 -0.65 9.58 -15.99
C GLY B 59 0.68 10.06 -16.54
N ASP B 60 1.67 10.19 -15.64
CA ASP B 60 2.98 10.69 -16.01
C ASP B 60 3.97 9.60 -16.40
N LYS B 61 3.52 8.35 -16.47
CA LYS B 61 4.33 7.20 -16.82
C LYS B 61 3.66 6.42 -17.92
N PRO B 62 4.35 5.47 -18.56
CA PRO B 62 3.82 4.90 -19.81
C PRO B 62 2.48 4.20 -19.67
N SER B 63 2.07 3.79 -18.47
CA SER B 63 0.86 2.98 -18.32
C SER B 63 0.51 2.88 -16.84
N LYS B 64 -0.71 2.40 -16.58
CA LYS B 64 -1.09 2.01 -15.22
C LYS B 64 -0.18 0.91 -14.70
N GLY B 65 0.24 0.00 -15.60
CA GLY B 65 1.00 -1.17 -15.19
C GLY B 65 2.21 -0.87 -14.34
N TYR B 66 2.88 0.27 -14.60
CA TYR B 66 4.00 0.69 -13.76
C TYR B 66 3.63 0.52 -12.29
N ASP B 67 2.58 1.24 -11.85
CA ASP B 67 2.17 1.15 -10.46
C ASP B 67 1.88 -0.29 -10.07
N LYS B 68 1.17 -1.01 -10.92
CA LYS B 68 0.81 -2.40 -10.60
C LYS B 68 2.05 -3.23 -10.29
N LEU B 69 3.06 -3.18 -11.17
CA LEU B 69 4.23 -4.03 -10.92
C LEU B 69 4.94 -3.57 -9.67
N ARG B 70 4.94 -2.26 -9.40
CA ARG B 70 5.55 -1.77 -8.18
C ARG B 70 4.96 -2.49 -6.99
N VAL B 71 3.63 -2.56 -6.92
CA VAL B 71 2.98 -3.25 -5.80
C VAL B 71 3.47 -4.68 -5.74
N LEU B 72 3.45 -5.38 -6.88
CA LEU B 72 3.85 -6.78 -6.90
C LEU B 72 5.29 -6.93 -6.44
N LEU B 73 6.19 -6.08 -6.93
CA LEU B 73 7.59 -6.29 -6.54
C LEU B 73 7.77 -5.95 -5.07
N ASP B 74 6.93 -5.05 -4.55
CA ASP B 74 7.01 -4.77 -3.12
C ASP B 74 6.54 -5.99 -2.33
N LEU B 75 5.54 -6.70 -2.85
CA LEU B 75 5.05 -7.90 -2.18
C LEU B 75 6.12 -8.98 -2.13
N MET B 76 6.99 -9.04 -3.13
CA MET B 76 8.03 -10.04 -3.22
C MET B 76 9.34 -9.59 -2.55
N ASP B 77 9.30 -8.55 -1.72
CA ASP B 77 10.45 -8.12 -0.93
C ASP B 77 11.55 -7.51 -1.79
N ARG B 78 11.16 -6.91 -2.92
CA ARG B 78 12.06 -6.12 -3.75
C ARG B 78 13.31 -6.87 -4.19
N PRO B 79 13.18 -7.94 -4.97
CA PRO B 79 14.36 -8.71 -5.38
C PRO B 79 15.16 -7.96 -6.43
N ARG B 80 16.44 -8.30 -6.51
CA ARG B 80 17.23 -7.85 -7.64
C ARG B 80 16.78 -8.58 -8.89
N LEU B 81 16.48 -7.83 -9.94
CA LEU B 81 15.87 -8.43 -11.10
C LEU B 81 16.90 -8.95 -12.10
N GLY B 82 17.94 -8.16 -12.38
CA GLY B 82 18.99 -8.63 -13.27
C GLY B 82 18.50 -8.72 -14.70
N THR B 83 18.97 -9.74 -15.41
CA THR B 83 18.54 -9.97 -16.79
C THR B 83 17.05 -10.32 -16.79
N THR B 84 16.25 -9.45 -17.42
CA THR B 84 14.79 -9.49 -17.33
C THR B 84 14.17 -9.48 -18.71
N VAL B 85 13.16 -10.32 -18.91
CA VAL B 85 12.34 -10.28 -20.10
C VAL B 85 10.94 -9.83 -19.70
N ASP B 86 10.37 -8.93 -20.49
CA ASP B 86 9.03 -8.40 -20.25
C ASP B 86 8.19 -8.86 -21.43
N LEU B 87 7.47 -9.96 -21.23
CA LEU B 87 6.65 -10.53 -22.30
C LEU B 87 5.28 -9.86 -22.34
N CYS B 88 4.81 -9.58 -23.55
CA CYS B 88 3.59 -8.79 -23.77
C CYS B 88 3.71 -7.43 -23.08
N ALA B 89 4.79 -6.70 -23.45
CA ALA B 89 5.16 -5.48 -22.76
C ALA B 89 4.27 -4.29 -23.11
N GLY B 90 3.61 -4.31 -24.26
CA GLY B 90 2.62 -3.29 -24.59
C GLY B 90 3.22 -1.90 -24.64
N ARG B 91 2.57 -0.96 -23.96
CA ARG B 91 3.06 0.41 -23.92
C ARG B 91 4.35 0.55 -23.12
N GLY B 92 4.63 -0.37 -22.21
CA GLY B 92 5.91 -0.46 -21.57
C GLY B 92 6.00 -0.08 -20.11
N GLY B 93 4.87 -0.05 -19.38
CA GLY B 93 4.91 0.37 -17.98
C GLY B 93 5.81 -0.50 -17.13
N TRP B 94 5.78 -1.82 -17.35
CA TRP B 94 6.58 -2.73 -16.54
C TRP B 94 8.07 -2.58 -16.89
N SER B 95 8.38 -2.47 -18.18
CA SER B 95 9.77 -2.25 -18.57
C SER B 95 10.29 -0.93 -18.03
N GLU B 96 9.47 0.12 -18.07
CA GLU B 96 9.89 1.42 -17.53
C GLU B 96 10.21 1.32 -16.05
N LEU B 97 9.38 0.58 -15.30
CA LEU B 97 9.69 0.39 -13.88
C LEU B 97 10.99 -0.38 -13.70
N VAL B 98 11.23 -1.42 -14.51
CA VAL B 98 12.49 -2.15 -14.37
C VAL B 98 13.67 -1.21 -14.65
N LYS B 99 13.56 -0.37 -15.68
CA LYS B 99 14.64 0.55 -16.00
C LYS B 99 14.89 1.54 -14.85
N ASP B 100 13.82 2.17 -14.35
CA ASP B 100 13.99 3.05 -13.19
C ASP B 100 14.63 2.32 -12.02
N LEU B 101 14.40 1.01 -11.91
CA LEU B 101 14.95 0.28 -10.77
C LEU B 101 16.44 -0.03 -10.94
N GLU B 102 16.85 -0.50 -12.11
CA GLU B 102 18.21 -1.04 -12.23
C GLU B 102 18.95 -0.63 -13.50
N GLY B 103 18.40 0.27 -14.32
CA GLY B 103 19.03 0.63 -15.56
C GLY B 103 18.38 -0.06 -16.74
N PRO B 104 18.54 0.50 -17.94
CA PRO B 104 17.81 -0.02 -19.11
C PRO B 104 18.42 -1.26 -19.73
N LYS B 105 19.63 -1.65 -19.35
CA LYS B 105 20.37 -2.61 -20.16
C LYS B 105 20.05 -4.07 -19.85
N GLY B 106 19.51 -4.38 -18.69
CA GLY B 106 19.15 -5.75 -18.42
C GLY B 106 17.82 -6.20 -19.00
N ILE B 107 17.07 -5.28 -19.61
CA ILE B 107 15.69 -5.50 -20.00
C ILE B 107 15.62 -5.83 -21.48
N THR B 108 14.78 -6.81 -21.82
CA THR B 108 14.30 -6.98 -23.18
C THR B 108 12.79 -7.00 -23.13
N ALA B 109 12.14 -6.13 -23.89
CA ALA B 109 10.70 -6.10 -23.96
C ALA B 109 10.24 -6.79 -25.23
N VAL B 110 9.18 -7.60 -25.13
CA VAL B 110 8.66 -8.35 -26.26
C VAL B 110 7.17 -8.07 -26.38
N SER B 111 6.74 -7.66 -27.57
CA SER B 111 5.33 -7.39 -27.81
C SER B 111 5.13 -7.31 -29.32
N LEU B 112 3.86 -7.37 -29.72
CA LEU B 112 3.47 -7.09 -31.11
C LEU B 112 3.05 -5.63 -31.18
N TRP B 113 3.82 -4.82 -31.89
CA TRP B 113 3.51 -3.40 -31.99
C TRP B 113 2.94 -3.03 -33.34
N GLU B 118 -0.98 -0.49 -31.52
CA GLU B 118 -0.49 -0.21 -30.18
C GLU B 118 1.03 0.02 -30.22
N GLU B 119 1.55 0.89 -29.35
CA GLU B 119 2.89 1.40 -29.57
C GLU B 119 3.60 1.74 -28.26
N TRP B 120 4.91 1.86 -28.37
CA TRP B 120 5.81 2.00 -27.23
C TRP B 120 5.72 3.39 -26.62
N MET B 121 5.61 3.46 -25.29
CA MET B 121 5.58 4.71 -24.55
C MET B 121 6.71 4.83 -23.54
N ALA B 122 7.59 3.85 -23.43
CA ALA B 122 8.63 3.84 -22.42
C ALA B 122 9.93 4.36 -23.01
N ASP B 123 10.97 4.36 -22.18
CA ASP B 123 12.29 4.82 -22.58
C ASP B 123 12.73 4.11 -23.86
N PRO B 124 12.98 4.84 -24.95
CA PRO B 124 13.45 4.19 -26.19
C PRO B 124 14.85 3.59 -26.08
N ALA B 125 15.54 3.76 -24.95
CA ALA B 125 16.78 3.02 -24.74
C ALA B 125 16.53 1.55 -24.43
N ILE B 126 15.29 1.20 -24.05
CA ILE B 126 14.96 -0.18 -23.71
C ILE B 126 14.96 -1.03 -24.97
N HIS B 127 15.73 -2.11 -24.97
CA HIS B 127 15.76 -2.99 -26.12
C HIS B 127 14.42 -3.70 -26.28
N ARG B 128 13.89 -3.68 -27.50
CA ARG B 128 12.59 -4.26 -27.81
C ARG B 128 12.74 -5.29 -28.92
N ILE B 129 11.84 -6.28 -28.90
CA ILE B 129 11.69 -7.25 -29.98
C ILE B 129 10.22 -7.28 -30.36
N ASN B 130 9.92 -7.02 -31.62
CA ASN B 130 8.55 -7.04 -32.12
C ASN B 130 8.27 -8.47 -32.58
N ALA B 131 7.71 -9.29 -31.68
CA ALA B 131 7.48 -10.70 -31.98
C ALA B 131 6.27 -11.21 -31.21
N ASN B 132 5.69 -12.28 -31.72
CA ASN B 132 4.62 -12.98 -31.02
C ASN B 132 5.24 -13.89 -29.97
N VAL B 133 4.83 -13.72 -28.71
CA VAL B 133 5.42 -14.51 -27.64
C VAL B 133 5.12 -15.99 -27.78
N LYS B 134 4.14 -16.38 -28.60
CA LYS B 134 3.88 -17.79 -28.86
C LYS B 134 4.89 -18.40 -29.81
N HIS B 135 5.56 -17.59 -30.64
CA HIS B 135 6.57 -18.09 -31.56
C HIS B 135 8.00 -17.89 -31.06
N LEU B 136 8.28 -16.79 -30.37
CA LEU B 136 9.64 -16.46 -29.94
C LEU B 136 10.16 -17.49 -28.94
N ARG B 137 11.31 -18.09 -29.25
CA ARG B 137 11.92 -19.07 -28.36
C ARG B 137 12.37 -18.42 -27.05
N PRO B 138 12.34 -19.16 -25.95
CA PRO B 138 12.81 -18.61 -24.69
C PRO B 138 14.32 -18.49 -24.67
N TRP B 139 14.81 -17.81 -23.63
CA TRP B 139 16.23 -17.82 -23.30
C TRP B 139 16.38 -17.68 -21.79
N GLN B 140 17.59 -17.91 -21.31
CA GLN B 140 17.85 -17.90 -19.88
C GLN B 140 17.79 -16.47 -19.34
N VAL B 141 17.03 -16.26 -18.27
CA VAL B 141 16.88 -14.95 -17.64
C VAL B 141 16.88 -15.11 -16.13
N ASP B 142 17.25 -14.02 -15.42
CA ASP B 142 17.05 -14.00 -13.98
C ASP B 142 15.59 -13.77 -13.63
N THR B 143 14.93 -12.87 -14.36
CA THR B 143 13.58 -12.43 -14.03
C THR B 143 12.72 -12.55 -15.27
N LEU B 144 11.55 -13.18 -15.12
CA LEU B 144 10.56 -13.27 -16.19
C LEU B 144 9.29 -12.55 -15.76
N LEU B 145 8.87 -11.59 -16.60
CA LEU B 145 7.63 -10.86 -16.39
C LEU B 145 6.69 -11.19 -17.54
N PHE B 146 5.40 -11.36 -17.23
CA PHE B 146 4.40 -11.62 -18.25
C PHE B 146 3.11 -10.91 -17.84
N ASP B 147 2.59 -10.03 -18.70
CA ASP B 147 1.35 -9.34 -18.41
C ASP B 147 0.40 -9.46 -19.60
N GLY B 148 0.41 -10.59 -20.29
CA GLY B 148 -0.54 -10.79 -21.35
C GLY B 148 -1.88 -11.24 -20.81
N GLY B 149 -2.92 -11.01 -21.60
CA GLY B 149 -4.26 -11.44 -21.24
C GLY B 149 -5.28 -10.39 -21.57
N GLU B 150 -6.50 -10.83 -21.88
CA GLU B 150 -7.60 -9.96 -22.24
C GLU B 150 -8.88 -10.49 -21.64
N ALA B 151 -9.65 -9.61 -21.01
CA ALA B 151 -11.02 -9.92 -20.62
C ALA B 151 -11.93 -9.69 -21.83
N PHE B 152 -12.77 -10.67 -22.13
CA PHE B 152 -13.68 -10.59 -23.27
C PHE B 152 -14.98 -9.91 -22.86
N LYS B 153 -15.68 -9.37 -23.85
CA LYS B 153 -16.94 -8.67 -23.64
C LYS B 153 -18.10 -9.65 -23.49
N ARG B 154 -19.25 -9.11 -23.07
CA ARG B 154 -20.32 -9.96 -22.54
C ARG B 154 -20.97 -10.83 -23.59
N ASP B 155 -20.95 -10.44 -24.86
CA ASP B 155 -21.65 -11.22 -25.87
C ASP B 155 -20.91 -12.46 -26.31
N GLN B 156 -19.62 -12.60 -25.96
CA GLN B 156 -18.81 -13.70 -26.48
C GLN B 156 -19.11 -15.00 -25.73
N ASN B 157 -19.04 -16.10 -26.46
CA ASN B 157 -19.04 -17.42 -25.83
C ASN B 157 -17.93 -17.49 -24.80
N LEU B 158 -18.24 -18.07 -23.63
CA LEU B 158 -17.29 -18.06 -22.52
C LEU B 158 -16.00 -18.78 -22.88
N ARG B 159 -16.13 -19.87 -23.63
CA ARG B 159 -14.96 -20.69 -23.98
C ARG B 159 -14.01 -19.95 -24.90
N LYS B 160 -14.46 -18.89 -25.58
CA LYS B 160 -13.54 -18.13 -26.41
C LYS B 160 -12.52 -17.39 -25.55
N GLU B 161 -12.98 -16.74 -24.48
CA GLU B 161 -12.07 -16.07 -23.56
C GLU B 161 -11.18 -17.07 -22.86
N GLU B 162 -11.76 -18.20 -22.42
CA GLU B 162 -10.95 -19.25 -21.80
C GLU B 162 -9.85 -19.73 -22.74
N ASN B 163 -10.20 -20.05 -24.00
CA ASN B 163 -9.24 -20.62 -24.92
C ASN B 163 -8.16 -19.60 -25.28
N PHE B 164 -8.56 -18.37 -25.57
CA PHE B 164 -7.60 -17.31 -25.90
C PHE B 164 -6.57 -17.16 -24.79
N ASN B 165 -7.04 -17.10 -23.53
CA ASN B 165 -6.10 -16.84 -22.44
C ASN B 165 -5.26 -18.08 -22.10
N ASP B 166 -5.86 -19.27 -22.14
CA ASP B 166 -5.07 -20.51 -22.11
C ASP B 166 -3.91 -20.45 -23.11
N SER B 167 -4.24 -20.15 -24.37
CA SER B 167 -3.24 -20.16 -25.42
C SER B 167 -2.11 -19.17 -25.13
N LEU B 168 -2.47 -17.94 -24.73
CA LEU B 168 -1.45 -16.93 -24.44
C LEU B 168 -0.57 -17.35 -23.27
N LEU B 169 -1.20 -17.82 -22.20
CA LEU B 169 -0.45 -18.23 -21.01
C LEU B 169 0.45 -19.41 -21.30
N ASP B 170 0.09 -20.28 -22.25
CA ASP B 170 0.93 -21.42 -22.55
C ASP B 170 2.26 -21.02 -23.19
N ALA B 171 2.35 -19.82 -23.78
CA ALA B 171 3.63 -19.34 -24.28
C ALA B 171 4.66 -19.19 -23.16
N VAL B 172 4.21 -18.95 -21.92
CA VAL B 172 5.11 -18.79 -20.78
C VAL B 172 5.77 -20.12 -20.40
N ASP B 173 5.09 -21.23 -20.70
CA ASP B 173 5.53 -22.55 -20.22
C ASP B 173 6.97 -22.85 -20.65
N ALA B 174 7.31 -22.59 -21.92
CA ALA B 174 8.66 -22.90 -22.38
C ALA B 174 9.70 -22.09 -21.63
N TRP B 175 9.37 -20.84 -21.25
CA TRP B 175 10.30 -20.04 -20.45
C TRP B 175 10.50 -20.62 -19.07
N MET B 176 9.43 -21.18 -18.46
CA MET B 176 9.54 -21.72 -17.11
C MET B 176 10.22 -23.09 -17.07
N MET B 177 10.03 -23.90 -18.10
CA MET B 177 10.43 -25.30 -18.10
C MET B 177 11.80 -25.54 -18.73
N GLN B 178 12.47 -24.49 -19.19
CA GLN B 178 13.84 -24.63 -19.72
C GLN B 178 14.78 -25.13 -18.60
N PRO B 179 15.99 -25.62 -18.97
CA PRO B 179 16.88 -26.15 -17.93
C PRO B 179 17.10 -25.21 -16.76
N VAL B 180 17.36 -23.94 -17.01
CA VAL B 180 17.58 -22.98 -15.94
C VAL B 180 16.36 -22.08 -15.85
N PRO B 181 15.48 -22.29 -14.89
CA PRO B 181 14.28 -21.48 -14.77
C PRO B 181 14.60 -20.07 -14.36
N PRO B 182 13.69 -19.10 -14.51
CA PRO B 182 13.89 -17.79 -13.92
C PRO B 182 13.95 -17.88 -12.39
N ARG B 183 14.82 -17.02 -11.79
CA ARG B 183 14.87 -16.95 -10.32
C ARG B 183 13.64 -16.22 -9.77
N ASN B 184 13.30 -15.08 -10.39
CA ASN B 184 12.10 -14.34 -10.05
C ASN B 184 11.10 -14.41 -11.20
N PHE B 185 9.81 -14.40 -10.87
CA PHE B 185 8.82 -14.29 -11.93
C PHE B 185 7.59 -13.56 -11.41
N VAL B 186 6.93 -12.85 -12.31
CA VAL B 186 5.65 -12.21 -12.09
C VAL B 186 4.82 -12.52 -13.32
N ILE B 187 3.82 -13.39 -13.16
CA ILE B 187 3.09 -13.90 -14.31
C ILE B 187 1.61 -13.61 -14.12
N LYS B 188 1.05 -12.81 -15.02
CA LYS B 188 -0.37 -12.52 -14.95
C LYS B 188 -1.21 -13.71 -15.40
N ILE B 189 -2.15 -14.12 -14.56
CA ILE B 189 -3.11 -15.17 -14.86
C ILE B 189 -4.49 -14.56 -15.06
N GLN B 190 -4.84 -14.28 -16.32
CA GLN B 190 -6.11 -13.63 -16.66
C GLN B 190 -7.30 -14.47 -16.23
N VAL B 191 -7.26 -15.76 -16.52
CA VAL B 191 -8.37 -16.67 -16.26
C VAL B 191 -7.83 -17.85 -15.46
N PRO B 192 -7.82 -17.75 -14.13
CA PRO B 192 -7.11 -18.70 -13.30
C PRO B 192 -7.84 -20.01 -13.05
N TYR B 193 -9.06 -20.19 -13.54
CA TYR B 193 -9.84 -21.37 -13.18
C TYR B 193 -9.95 -22.41 -14.31
N THR B 194 -9.33 -22.18 -15.47
CA THR B 194 -9.28 -23.22 -16.47
C THR B 194 -8.42 -24.37 -15.97
N GLN B 195 -8.71 -25.58 -16.47
CA GLN B 195 -7.90 -26.74 -16.08
C GLN B 195 -6.47 -26.55 -16.54
N LYS B 196 -6.30 -25.95 -17.73
CA LYS B 196 -4.98 -25.64 -18.24
C LYS B 196 -4.21 -24.69 -17.32
N ALA B 197 -4.83 -23.60 -16.89
CA ALA B 197 -4.09 -22.64 -16.08
C ALA B 197 -3.64 -23.26 -14.76
N ILE B 198 -4.55 -24.00 -14.11
CA ILE B 198 -4.23 -24.61 -12.83
C ILE B 198 -3.16 -25.69 -12.99
N ALA B 199 -3.26 -26.51 -14.05
CA ALA B 199 -2.22 -27.50 -14.29
C ALA B 199 -0.86 -26.85 -14.53
N LEU B 200 -0.82 -25.78 -15.32
CA LEU B 200 0.43 -25.06 -15.56
C LEU B 200 1.03 -24.52 -14.26
N LEU B 201 0.18 -23.96 -13.38
CA LEU B 201 0.66 -23.42 -12.12
C LEU B 201 1.23 -24.50 -11.21
N GLU B 202 0.51 -25.63 -11.07
CA GLU B 202 1.03 -26.76 -10.32
C GLU B 202 2.38 -27.21 -10.86
N LYS B 203 2.49 -27.30 -12.18
CA LYS B 203 3.74 -27.76 -12.79
C LYS B 203 4.89 -26.79 -12.49
N TRP B 204 4.66 -25.48 -12.71
CA TRP B 204 5.71 -24.49 -12.44
C TRP B 204 6.12 -24.52 -10.98
N GLN B 205 5.19 -24.79 -10.07
CA GLN B 205 5.58 -24.95 -8.68
C GLN B 205 6.53 -26.13 -8.50
N VAL B 206 6.22 -27.28 -9.12
CA VAL B 206 7.13 -28.41 -9.03
C VAL B 206 8.49 -28.07 -9.64
N LYS B 207 8.50 -27.42 -10.80
CA LYS B 207 9.73 -27.12 -11.51
C LYS B 207 10.62 -26.17 -10.71
N THR B 208 10.06 -25.08 -10.20
CA THR B 208 10.87 -24.05 -9.55
C THR B 208 10.99 -24.22 -8.05
N GLY B 209 10.09 -24.98 -7.42
CA GLY B 209 10.05 -25.03 -5.97
C GLY B 209 9.51 -23.78 -5.30
N LYS B 210 8.91 -22.87 -6.07
CA LYS B 210 8.42 -21.59 -5.56
C LYS B 210 7.03 -21.32 -6.12
N GLY B 211 6.43 -20.23 -5.65
CA GLY B 211 5.28 -19.70 -6.39
C GLY B 211 4.04 -19.58 -5.54
N ARG B 212 3.44 -18.40 -5.57
CA ARG B 212 2.18 -18.16 -4.88
C ARG B 212 1.27 -17.38 -5.79
N LEU B 213 -0.01 -17.78 -5.85
CA LEU B 213 -1.01 -17.12 -6.66
C LEU B 213 -1.79 -16.14 -5.79
N VAL B 214 -1.81 -14.87 -6.18
CA VAL B 214 -2.41 -13.82 -5.36
C VAL B 214 -3.47 -13.06 -6.15
N ARG B 215 -4.49 -12.60 -5.43
CA ARG B 215 -5.44 -11.62 -5.92
C ARG B 215 -5.16 -10.31 -5.21
N LEU B 216 -4.87 -9.27 -5.99
CA LEU B 216 -4.58 -7.97 -5.42
C LEU B 216 -5.86 -7.33 -4.94
N ALA B 217 -5.91 -6.97 -3.66
CA ALA B 217 -6.99 -6.13 -3.19
C ALA B 217 -7.05 -4.89 -4.06
N GLY B 218 -8.26 -4.48 -4.41
CA GLY B 218 -8.39 -3.27 -5.21
C GLY B 218 -8.23 -3.45 -6.70
N ASP B 219 -7.98 -4.66 -7.19
CA ASP B 219 -8.17 -4.87 -8.61
C ASP B 219 -9.67 -4.82 -8.94
N ARG B 220 -9.97 -4.58 -10.21
CA ARG B 220 -11.34 -4.39 -10.63
C ARG B 220 -12.14 -5.67 -10.44
N LEU B 221 -13.36 -5.54 -9.90
CA LEU B 221 -14.24 -6.68 -9.75
C LEU B 221 -14.69 -7.25 -11.09
N SER B 222 -14.52 -6.52 -12.17
CA SER B 222 -14.99 -6.99 -13.47
C SER B 222 -14.01 -7.95 -14.14
N ASN B 223 -12.91 -8.32 -13.49
CA ASN B 223 -12.03 -9.34 -14.06
C ASN B 223 -11.73 -10.38 -13.01
N THR B 224 -11.07 -11.46 -13.44
CA THR B 224 -10.65 -12.53 -12.55
C THR B 224 -9.13 -12.63 -12.45
N VAL B 225 -8.44 -11.50 -12.62
CA VAL B 225 -6.99 -11.49 -12.72
C VAL B 225 -6.36 -11.93 -11.41
N MET B 226 -5.38 -12.85 -11.51
CA MET B 226 -4.49 -13.15 -10.40
C MET B 226 -3.05 -13.08 -10.90
N TYR B 227 -2.09 -13.05 -9.98
CA TYR B 227 -0.68 -13.01 -10.37
C TYR B 227 0.06 -14.16 -9.68
N PHE B 228 0.92 -14.83 -10.44
CA PHE B 228 1.73 -15.92 -9.94
C PHE B 228 3.13 -15.36 -9.69
N LEU B 229 3.56 -15.37 -8.43
CA LEU B 229 4.76 -14.66 -7.99
C LEU B 229 5.75 -15.62 -7.36
N SER B 230 7.03 -15.38 -7.61
CA SER B 230 8.11 -16.24 -7.15
C SER B 230 8.42 -16.08 -5.68
N VAL B 231 7.42 -15.82 -4.86
CA VAL B 231 7.65 -15.85 -3.43
C VAL B 231 7.61 -17.29 -2.98
N ARG B 232 7.63 -17.47 -1.67
CA ARG B 232 7.54 -18.76 -1.02
C ARG B 232 6.37 -19.60 -1.54
N LEU B 233 6.66 -20.86 -1.88
CA LEU B 233 5.66 -21.82 -2.34
C LEU B 233 4.42 -21.83 -1.46
N GLU B 234 3.26 -21.69 -2.09
CA GLU B 234 1.98 -21.88 -1.42
C GLU B 234 1.14 -22.81 -2.31
N THR B 235 0.85 -23.99 -1.80
CA THR B 235 0.25 -25.03 -2.64
C THR B 235 -1.27 -25.00 -2.55
N GLN B 236 -1.93 -26.04 -3.07
CA GLN B 236 -3.39 -26.14 -3.11
C GLN B 236 -3.99 -24.98 -3.90
N ILE B 237 -3.43 -24.76 -5.10
CA ILE B 237 -3.85 -23.62 -5.90
C ILE B 237 -5.30 -23.78 -6.36
N ARG B 238 -5.70 -24.99 -6.74
CA ARG B 238 -7.06 -25.21 -7.22
C ARG B 238 -8.08 -24.78 -6.17
N GLY B 239 -7.85 -25.16 -4.90
CA GLY B 239 -8.78 -24.78 -3.84
C GLY B 239 -8.78 -23.29 -3.56
N ARG B 240 -7.62 -22.64 -3.67
CA ARG B 240 -7.55 -21.20 -3.44
C ARG B 240 -8.22 -20.43 -4.57
N VAL B 241 -8.10 -20.91 -5.81
CA VAL B 241 -8.84 -20.31 -6.92
C VAL B 241 -10.34 -20.49 -6.71
N THR B 242 -10.76 -21.65 -6.18
CA THR B 242 -12.16 -21.86 -5.87
C THR B 242 -12.66 -20.83 -4.86
N THR B 243 -11.89 -20.63 -3.80
CA THR B 243 -12.18 -19.57 -2.83
C THR B 243 -12.29 -18.22 -3.52
N PHE B 244 -11.28 -17.89 -4.34
CA PHE B 244 -11.25 -16.59 -5.01
C PHE B 244 -12.52 -16.35 -5.82
N VAL B 245 -12.88 -17.32 -6.66
CA VAL B 245 -14.02 -17.11 -7.54
C VAL B 245 -15.33 -17.04 -6.74
N ARG B 246 -15.48 -17.88 -5.71
CA ARG B 246 -16.71 -17.82 -4.91
C ARG B 246 -16.86 -16.46 -4.24
N GLU B 247 -15.79 -15.97 -3.60
CA GLU B 247 -15.86 -14.69 -2.90
C GLU B 247 -16.00 -13.52 -3.87
N LEU B 248 -15.41 -13.63 -5.06
CA LEU B 248 -15.57 -12.60 -6.07
C LEU B 248 -17.01 -12.52 -6.55
N ALA B 249 -17.63 -13.68 -6.81
CA ALA B 249 -19.03 -13.67 -7.22
C ALA B 249 -19.91 -13.05 -6.15
N GLU B 250 -19.64 -13.39 -4.88
CA GLU B 250 -20.39 -12.81 -3.77
C GLU B 250 -20.20 -11.29 -3.70
N ARG B 251 -18.97 -10.81 -3.88
CA ARG B 251 -18.72 -9.37 -3.85
C ARG B 251 -19.38 -8.66 -5.02
N ARG B 252 -19.29 -9.24 -6.22
CA ARG B 252 -19.95 -8.67 -7.40
C ARG B 252 -21.44 -8.50 -7.14
N LYS B 253 -22.08 -9.53 -6.59
CA LYS B 253 -23.51 -9.47 -6.30
C LYS B 253 -23.81 -8.40 -5.26
N ASP B 254 -23.06 -8.38 -4.16
CA ASP B 254 -23.28 -7.35 -3.15
C ASP B 254 -23.15 -5.95 -3.72
N ARG B 255 -22.10 -5.73 -4.50
CA ARG B 255 -21.81 -4.40 -5.01
C ARG B 255 -22.72 -4.00 -6.16
N SER B 256 -23.36 -4.96 -6.83
CA SER B 256 -24.30 -4.60 -7.90
C SER B 256 -25.67 -4.20 -7.36
N LEU B 257 -26.00 -4.56 -6.12
CA LEU B 257 -27.30 -4.27 -5.54
C LEU B 257 -27.30 -2.87 -4.94
N THR B 258 -28.46 -2.22 -4.96
CA THR B 258 -28.56 -0.88 -4.38
C THR B 258 -28.54 -0.97 -2.86
N ALA B 259 -27.86 -0.01 -2.24
CA ALA B 259 -27.68 -0.03 -0.80
C ALA B 259 -29.04 0.05 -0.12
N ASP B 260 -29.26 -0.84 0.83
CA ASP B 260 -30.55 -0.92 1.49
C ASP B 260 -30.66 0.17 2.56
N PRO B 261 -31.58 1.13 2.41
CA PRO B 261 -31.54 2.32 3.28
C PRO B 261 -31.90 2.07 4.74
N SER B 262 -32.42 0.90 5.11
CA SER B 262 -32.93 0.68 6.47
C SER B 262 -31.81 0.10 7.35
N LEU B 263 -30.92 0.99 7.77
CA LEU B 263 -29.80 0.65 8.65
C LEU B 263 -29.29 1.91 9.34
N GLU C 6 14.30 -34.04 20.90
CA GLU C 6 15.33 -35.04 21.09
C GLU C 6 15.51 -35.98 19.94
N VAL C 7 16.70 -36.54 19.91
CA VAL C 7 17.10 -37.47 18.86
C VAL C 7 16.14 -38.65 18.72
N TYR C 8 15.38 -38.98 19.76
CA TYR C 8 14.39 -40.04 19.63
C TYR C 8 13.19 -39.54 18.85
N LYS C 9 13.44 -38.91 17.70
CA LYS C 9 12.38 -38.22 16.97
C LYS C 9 12.68 -38.26 15.47
N GLY C 10 12.98 -39.45 14.96
CA GLY C 10 13.13 -39.62 13.54
C GLY C 10 11.81 -40.01 12.91
N ASP C 11 11.65 -39.65 11.64
CA ASP C 11 10.60 -40.27 10.83
C ASP C 11 10.80 -41.79 10.77
N GLY C 12 11.93 -42.29 11.27
CA GLY C 12 12.41 -43.61 10.96
C GLY C 12 12.73 -43.64 9.48
N TYR C 13 12.92 -44.84 8.98
CA TYR C 13 12.88 -45.08 7.55
C TYR C 13 11.66 -45.90 7.17
N LYS C 14 10.64 -45.84 7.99
CA LYS C 14 9.47 -46.61 7.76
C LYS C 14 8.74 -46.30 6.45
N VAL C 15 8.93 -45.10 5.92
CA VAL C 15 8.28 -44.71 4.67
C VAL C 15 9.32 -44.25 3.66
N TRP C 16 8.98 -44.41 2.38
CA TRP C 16 9.78 -43.82 1.31
C TRP C 16 9.81 -42.31 1.46
N LYS C 17 10.89 -41.70 0.99
CA LYS C 17 10.94 -40.26 0.85
C LYS C 17 10.45 -39.93 -0.55
N LEU C 18 9.40 -39.11 -0.64
CA LEU C 18 8.79 -38.72 -1.91
C LEU C 18 8.66 -37.21 -1.98
N GLU C 19 9.54 -36.59 -2.65
CA GLU C 19 9.38 -35.21 -3.00
C GLU C 19 8.67 -35.11 -4.35
N PRO C 20 7.89 -34.06 -4.58
CA PRO C 20 7.17 -33.95 -5.86
C PRO C 20 8.12 -33.87 -7.03
N SER C 21 7.75 -34.51 -8.13
CA SER C 21 8.51 -34.43 -9.36
C SER C 21 7.56 -34.27 -10.53
N LEU C 22 8.12 -33.84 -11.65
CA LEU C 22 7.34 -33.63 -12.86
C LEU C 22 7.00 -34.95 -13.54
N GLY C 23 5.88 -34.96 -14.25
CA GLY C 23 5.48 -36.13 -14.99
C GLY C 23 4.01 -36.46 -14.82
N ASP C 24 3.49 -37.36 -15.66
CA ASP C 24 2.08 -37.74 -15.59
C ASP C 24 1.97 -39.04 -14.83
N PRO C 25 1.36 -39.05 -13.63
CA PRO C 25 1.35 -40.30 -12.85
C PRO C 25 0.54 -41.41 -13.47
N LEU C 26 -0.57 -41.11 -14.16
CA LEU C 26 -1.35 -42.17 -14.79
C LEU C 26 -0.54 -42.88 -15.86
N GLU C 27 0.15 -42.11 -16.70
CA GLU C 27 0.95 -42.69 -17.78
C GLU C 27 2.06 -43.58 -17.24
N LEU C 28 2.79 -43.10 -16.24
CA LEU C 28 3.89 -43.89 -15.71
C LEU C 28 3.39 -45.09 -14.91
N GLY C 29 2.24 -44.96 -14.25
CA GLY C 29 1.66 -46.10 -13.55
C GLY C 29 1.28 -47.21 -14.51
N ARG C 30 0.62 -46.85 -15.62
CA ARG C 30 0.31 -47.86 -16.61
C ARG C 30 1.56 -48.44 -17.24
N LYS C 31 2.57 -47.61 -17.44
CA LYS C 31 3.81 -48.10 -18.02
C LYS C 31 4.45 -49.16 -17.13
N THR C 32 4.57 -48.88 -15.83
CA THR C 32 5.21 -49.88 -14.98
C THR C 32 4.31 -51.10 -14.77
N LYS C 33 2.99 -50.93 -14.77
CA LYS C 33 2.12 -52.09 -14.74
C LYS C 33 2.32 -52.95 -15.97
N THR C 34 2.42 -52.33 -17.13
CA THR C 34 2.62 -53.06 -18.38
C THR C 34 3.94 -53.81 -18.36
N GLU C 35 5.01 -53.13 -17.93
CA GLU C 35 6.30 -53.79 -17.83
C GLU C 35 6.26 -54.95 -16.86
N MET C 36 5.54 -54.79 -15.75
CA MET C 36 5.52 -55.88 -14.79
C MET C 36 4.76 -57.09 -15.34
N ASN C 37 3.65 -56.84 -16.04
CA ASN C 37 2.90 -57.96 -16.61
C ASN C 37 3.72 -58.72 -17.65
N ALA C 38 4.61 -58.03 -18.36
CA ALA C 38 5.43 -58.68 -19.39
C ALA C 38 6.64 -59.39 -18.81
N MET C 39 6.86 -59.34 -17.50
CA MET C 39 8.05 -59.97 -16.93
C MET C 39 7.97 -61.49 -17.05
N THR C 40 9.12 -62.11 -17.34
CA THR C 40 9.21 -63.56 -17.36
C THR C 40 9.06 -64.13 -15.95
N HIS C 41 8.95 -65.45 -15.90
CA HIS C 41 8.94 -66.15 -14.61
C HIS C 41 10.13 -65.77 -13.75
N ASP C 42 11.35 -65.85 -14.31
CA ASP C 42 12.55 -65.56 -13.52
C ASP C 42 12.61 -64.09 -13.10
N GLU C 43 12.21 -63.17 -14.00
CA GLU C 43 12.26 -61.74 -13.69
C GLU C 43 11.31 -61.40 -12.55
N PHE C 44 10.06 -61.80 -12.68
CA PHE C 44 9.06 -61.59 -11.64
C PHE C 44 9.48 -62.29 -10.34
N ASP C 45 10.04 -63.48 -10.44
CA ASP C 45 10.51 -64.21 -9.25
C ASP C 45 11.60 -63.43 -8.53
N ARG C 46 12.58 -62.91 -9.28
CA ARG C 46 13.65 -62.14 -8.66
C ARG C 46 13.13 -60.83 -8.10
N MET C 47 12.09 -60.27 -8.72
CA MET C 47 11.62 -58.96 -8.26
C MET C 47 10.85 -59.05 -6.97
N LYS C 48 10.16 -60.16 -6.74
CA LYS C 48 9.19 -60.24 -5.68
C LYS C 48 9.71 -60.99 -4.46
N GLY C 59 1.11 -67.38 11.83
CA GLY C 59 0.32 -66.21 12.14
C GLY C 59 -0.81 -66.48 13.13
N ASP C 60 -0.77 -65.78 14.28
CA ASP C 60 -1.73 -65.99 15.34
C ASP C 60 -2.76 -64.88 15.48
N LYS C 61 -2.56 -63.75 14.84
CA LYS C 61 -3.54 -62.68 14.82
C LYS C 61 -4.54 -62.96 13.71
N PRO C 62 -5.70 -62.26 13.71
CA PRO C 62 -6.73 -62.55 12.70
C PRO C 62 -6.24 -62.54 11.27
N SER C 63 -5.21 -61.76 10.96
CA SER C 63 -4.60 -61.70 9.63
C SER C 63 -3.33 -60.88 9.73
N LYS C 64 -2.64 -60.72 8.58
CA LYS C 64 -1.43 -59.91 8.53
C LYS C 64 -1.73 -58.43 8.73
N GLY C 65 -2.94 -58.00 8.38
CA GLY C 65 -3.30 -56.59 8.53
C GLY C 65 -3.12 -56.08 9.94
N TYR C 66 -3.29 -56.96 10.94
CA TYR C 66 -3.05 -56.58 12.32
C TYR C 66 -1.72 -55.84 12.44
N ASP C 67 -0.64 -56.44 11.93
CA ASP C 67 0.68 -55.80 12.08
C ASP C 67 0.74 -54.53 11.25
N LYS C 68 0.16 -54.55 10.04
CA LYS C 68 0.23 -53.39 9.17
C LYS C 68 -0.38 -52.16 9.83
N LEU C 69 -1.62 -52.27 10.30
CA LEU C 69 -2.24 -51.11 10.93
C LEU C 69 -1.43 -50.67 12.15
N ARG C 70 -0.84 -51.61 12.89
CA ARG C 70 -0.04 -51.20 14.04
C ARG C 70 1.06 -50.27 13.61
N VAL C 71 1.80 -50.66 12.56
CA VAL C 71 2.85 -49.80 12.03
C VAL C 71 2.26 -48.45 11.70
N LEU C 72 1.14 -48.44 10.98
CA LEU C 72 0.58 -47.16 10.54
C LEU C 72 0.17 -46.32 11.71
N LEU C 73 -0.50 -46.94 12.71
CA LEU C 73 -0.97 -46.13 13.82
C LEU C 73 0.21 -45.64 14.63
N ASP C 74 1.30 -46.38 14.61
CA ASP C 74 2.50 -45.93 15.30
C ASP C 74 3.09 -44.73 14.59
N LEU C 75 3.05 -44.74 13.25
CA LEU C 75 3.52 -43.59 12.50
C LEU C 75 2.67 -42.36 12.78
N MET C 76 1.38 -42.56 13.00
CA MET C 76 0.46 -41.47 13.33
C MET C 76 0.55 -41.06 14.80
N ASP C 77 1.53 -41.58 15.54
CA ASP C 77 1.78 -41.20 16.94
C ASP C 77 0.64 -41.67 17.86
N ARG C 78 0.08 -42.84 17.57
CA ARG C 78 -0.83 -43.53 18.48
C ARG C 78 -1.97 -42.68 18.99
N PRO C 79 -2.87 -42.21 18.13
CA PRO C 79 -4.01 -41.41 18.58
C PRO C 79 -5.07 -42.28 19.22
N ARG C 80 -5.86 -41.67 20.10
CA ARG C 80 -7.00 -42.41 20.64
C ARG C 80 -8.08 -42.47 19.57
N LEU C 81 -8.67 -43.64 19.43
CA LEU C 81 -9.50 -43.90 18.28
C LEU C 81 -10.97 -43.59 18.54
N GLY C 82 -11.49 -43.96 19.70
CA GLY C 82 -12.89 -43.68 19.98
C GLY C 82 -13.78 -44.50 19.09
N THR C 83 -14.87 -43.88 18.62
CA THR C 83 -15.80 -44.58 17.75
C THR C 83 -15.16 -44.81 16.39
N THR C 84 -15.04 -46.06 16.01
CA THR C 84 -14.29 -46.45 14.82
C THR C 84 -15.16 -47.27 13.90
N VAL C 85 -15.10 -46.97 12.62
CA VAL C 85 -15.66 -47.88 11.63
C VAL C 85 -14.49 -48.40 10.79
N ASP C 86 -14.50 -49.72 10.56
CA ASP C 86 -13.46 -50.40 9.80
C ASP C 86 -14.15 -50.94 8.55
N LEU C 87 -13.99 -50.20 7.45
CA LEU C 87 -14.64 -50.54 6.19
C LEU C 87 -13.80 -51.55 5.43
N CYS C 88 -14.48 -52.51 4.80
CA CYS C 88 -13.82 -53.64 4.17
C CYS C 88 -12.97 -54.38 5.21
N ALA C 89 -13.64 -54.85 6.25
CA ALA C 89 -12.94 -55.39 7.41
C ALA C 89 -12.36 -56.77 7.17
N GLY C 90 -12.85 -57.51 6.18
CA GLY C 90 -12.27 -58.82 5.86
C GLY C 90 -12.27 -59.75 7.06
N ARG C 91 -11.10 -60.34 7.33
CA ARG C 91 -10.96 -61.29 8.43
C ARG C 91 -10.90 -60.61 9.79
N GLY C 92 -10.61 -59.31 9.85
CA GLY C 92 -10.72 -58.56 11.08
C GLY C 92 -9.42 -58.13 11.76
N GLY C 93 -8.28 -58.23 11.07
CA GLY C 93 -7.02 -57.85 11.69
C GLY C 93 -7.01 -56.43 12.21
N TRP C 94 -7.50 -55.49 11.41
CA TRP C 94 -7.55 -54.09 11.85
C TRP C 94 -8.53 -53.92 13.01
N SER C 95 -9.72 -54.53 12.88
CA SER C 95 -10.70 -54.49 13.96
C SER C 95 -10.15 -55.07 15.26
N GLU C 96 -9.49 -56.24 15.17
CA GLU C 96 -8.89 -56.83 16.37
C GLU C 96 -7.86 -55.90 17.00
N LEU C 97 -7.03 -55.26 16.16
CA LEU C 97 -6.04 -54.33 16.70
C LEU C 97 -6.70 -53.21 17.49
N VAL C 98 -7.71 -52.57 16.90
CA VAL C 98 -8.42 -51.53 17.63
C VAL C 98 -9.00 -52.09 18.93
N LYS C 99 -9.49 -53.32 18.89
CA LYS C 99 -10.07 -53.92 20.10
C LYS C 99 -9.01 -54.05 21.20
N ASP C 100 -7.81 -54.52 20.85
CA ASP C 100 -6.74 -54.59 21.82
C ASP C 100 -6.37 -53.22 22.36
N LEU C 101 -6.44 -52.19 21.51
CA LEU C 101 -6.00 -50.87 21.96
C LEU C 101 -7.03 -50.23 22.90
N GLU C 102 -8.32 -50.42 22.63
CA GLU C 102 -9.33 -49.67 23.38
C GLU C 102 -10.57 -50.45 23.77
N GLY C 103 -10.66 -51.74 23.47
CA GLY C 103 -11.82 -52.51 23.85
C GLY C 103 -12.78 -52.68 22.68
N PRO C 104 -13.71 -53.62 22.80
CA PRO C 104 -14.53 -54.00 21.64
C PRO C 104 -15.72 -53.09 21.39
N LYS C 105 -16.04 -52.16 22.29
CA LYS C 105 -17.32 -51.46 22.20
C LYS C 105 -17.34 -50.42 21.09
N GLY C 106 -16.25 -49.69 20.90
CA GLY C 106 -16.30 -48.58 19.97
C GLY C 106 -16.13 -48.95 18.51
N ILE C 107 -15.89 -50.22 18.20
CA ILE C 107 -15.62 -50.65 16.83
C ILE C 107 -16.92 -51.06 16.17
N THR C 108 -17.01 -50.78 14.87
CA THR C 108 -17.98 -51.39 13.99
C THR C 108 -17.23 -51.81 12.73
N ALA C 109 -17.38 -53.06 12.34
CA ALA C 109 -16.70 -53.61 11.18
C ALA C 109 -17.71 -53.84 10.07
N VAL C 110 -17.33 -53.50 8.84
CA VAL C 110 -18.21 -53.66 7.69
C VAL C 110 -17.49 -54.46 6.62
N SER C 111 -18.17 -55.48 6.08
CA SER C 111 -17.61 -56.27 4.99
C SER C 111 -18.70 -57.14 4.39
N LEU C 112 -18.42 -57.66 3.20
CA LEU C 112 -19.25 -58.68 2.56
C LEU C 112 -18.68 -60.05 2.89
N TRP C 113 -19.36 -60.78 3.76
CA TRP C 113 -18.85 -62.04 4.27
C TRP C 113 -19.52 -63.27 3.66
N GLU C 119 -15.09 -66.52 7.44
CA GLU C 119 -14.44 -65.33 6.88
C GLU C 119 -13.90 -64.44 8.01
N TRP C 120 -14.70 -64.26 9.05
CA TRP C 120 -14.32 -63.45 10.20
C TRP C 120 -13.53 -64.30 11.19
N MET C 121 -12.45 -63.71 11.72
CA MET C 121 -11.57 -64.42 12.64
C MET C 121 -11.21 -63.62 13.87
N ALA C 122 -11.78 -62.43 14.05
CA ALA C 122 -11.49 -61.59 15.19
C ALA C 122 -12.51 -61.84 16.30
N ASP C 123 -12.30 -61.15 17.42
CA ASP C 123 -13.15 -61.19 18.61
C ASP C 123 -14.63 -61.13 18.23
N PRO C 124 -15.45 -62.08 18.69
CA PRO C 124 -16.88 -62.08 18.32
C PRO C 124 -17.67 -60.96 18.99
N ALA C 125 -17.12 -60.29 20.01
CA ALA C 125 -17.84 -59.20 20.66
C ALA C 125 -17.85 -57.93 19.83
N ILE C 126 -17.07 -57.86 18.76
CA ILE C 126 -17.02 -56.67 17.92
C ILE C 126 -18.25 -56.65 17.02
N HIS C 127 -18.97 -55.54 17.00
CA HIS C 127 -20.15 -55.43 16.16
C HIS C 127 -19.75 -55.49 14.69
N ARG C 128 -20.51 -56.25 13.92
CA ARG C 128 -20.25 -56.44 12.50
C ARG C 128 -21.51 -56.16 11.70
N ILE C 129 -21.31 -55.81 10.43
CA ILE C 129 -22.40 -55.53 9.48
C ILE C 129 -22.01 -56.17 8.15
N ASN C 130 -22.76 -57.19 7.74
CA ASN C 130 -22.55 -57.80 6.43
C ASN C 130 -23.20 -56.88 5.40
N ALA C 131 -22.42 -55.94 4.89
CA ALA C 131 -22.95 -54.93 3.99
C ALA C 131 -21.90 -54.56 2.95
N ASN C 132 -22.38 -54.03 1.82
CA ASN C 132 -21.52 -53.48 0.79
C ASN C 132 -21.21 -52.02 1.15
N VAL C 133 -19.92 -51.70 1.31
CA VAL C 133 -19.57 -50.35 1.76
C VAL C 133 -19.98 -49.29 0.76
N LYS C 134 -20.24 -49.68 -0.50
CA LYS C 134 -20.73 -48.72 -1.48
C LYS C 134 -22.19 -48.36 -1.24
N HIS C 135 -22.95 -49.25 -0.60
CA HIS C 135 -24.38 -49.04 -0.38
C HIS C 135 -24.65 -48.35 0.95
N LEU C 136 -23.94 -48.78 2.01
CA LEU C 136 -24.25 -48.37 3.37
C LEU C 136 -24.11 -46.86 3.53
N ARG C 137 -25.10 -46.25 4.19
CA ARG C 137 -25.06 -44.80 4.40
C ARG C 137 -24.18 -44.47 5.61
N PRO C 138 -23.37 -43.42 5.52
CA PRO C 138 -22.37 -43.15 6.56
C PRO C 138 -22.95 -42.44 7.78
N TRP C 139 -22.15 -42.46 8.85
CA TRP C 139 -22.51 -41.78 10.08
C TRP C 139 -21.24 -41.22 10.71
N GLN C 140 -21.43 -40.32 11.68
CA GLN C 140 -20.31 -39.59 12.25
C GLN C 140 -19.48 -40.50 13.14
N VAL C 141 -18.16 -40.51 12.93
CA VAL C 141 -17.26 -41.38 13.66
C VAL C 141 -16.03 -40.60 14.05
N ASP C 142 -15.35 -41.06 15.10
CA ASP C 142 -14.07 -40.46 15.47
C ASP C 142 -12.95 -40.91 14.54
N THR C 143 -12.98 -42.17 14.11
CA THR C 143 -11.90 -42.75 13.35
C THR C 143 -12.48 -43.56 12.21
N LEU C 144 -11.91 -43.39 11.01
CA LEU C 144 -12.32 -44.17 9.86
C LEU C 144 -11.14 -44.95 9.34
N LEU C 145 -11.33 -46.26 9.16
CA LEU C 145 -10.35 -47.13 8.54
C LEU C 145 -10.94 -47.73 7.27
N PHE C 146 -10.10 -47.91 6.26
CA PHE C 146 -10.52 -48.55 5.01
C PHE C 146 -9.34 -49.35 4.47
N ASP C 147 -9.55 -50.64 4.22
CA ASP C 147 -8.50 -51.46 3.65
C ASP C 147 -9.04 -52.28 2.50
N GLY C 148 -9.99 -51.72 1.75
CA GLY C 148 -10.42 -52.35 0.53
C GLY C 148 -9.43 -52.10 -0.59
N GLY C 149 -9.52 -52.92 -1.62
CA GLY C 149 -8.64 -52.74 -2.75
C GLY C 149 -8.11 -54.08 -3.18
N GLU C 150 -7.93 -54.27 -4.49
CA GLU C 150 -7.55 -55.57 -5.02
C GLU C 150 -6.59 -55.37 -6.17
N ALA C 151 -5.51 -56.13 -6.18
CA ALA C 151 -4.59 -56.18 -7.30
C ALA C 151 -5.09 -57.20 -8.32
N PHE C 152 -5.00 -56.86 -9.59
CA PHE C 152 -5.51 -57.71 -10.66
C PHE C 152 -4.38 -58.49 -11.33
N LYS C 153 -4.77 -59.53 -12.05
CA LYS C 153 -3.80 -60.44 -12.65
C LYS C 153 -3.18 -59.82 -13.91
N ARG C 154 -2.09 -60.45 -14.36
CA ARG C 154 -1.33 -59.92 -15.47
C ARG C 154 -2.12 -59.93 -16.78
N ASP C 155 -3.11 -60.82 -16.90
CA ASP C 155 -3.87 -60.90 -18.13
C ASP C 155 -4.90 -59.78 -18.27
N GLN C 156 -5.24 -59.10 -17.18
CA GLN C 156 -6.38 -58.20 -17.16
C GLN C 156 -6.08 -56.89 -17.88
N ASN C 157 -7.11 -56.38 -18.56
CA ASN C 157 -7.13 -55.00 -19.04
C ASN C 157 -6.77 -54.04 -17.91
N LEU C 158 -5.86 -53.09 -18.18
CA LEU C 158 -5.39 -52.17 -17.15
C LEU C 158 -6.57 -51.39 -16.55
N ARG C 159 -7.49 -50.94 -17.40
CA ARG C 159 -8.60 -50.12 -16.95
C ARG C 159 -9.47 -50.87 -15.96
N LYS C 160 -9.56 -52.18 -16.07
CA LYS C 160 -10.39 -52.95 -15.16
C LYS C 160 -9.94 -52.74 -13.72
N GLU C 161 -8.65 -52.97 -13.46
CA GLU C 161 -8.10 -52.74 -12.12
C GLU C 161 -8.31 -51.29 -11.68
N GLU C 162 -8.04 -50.34 -12.59
CA GLU C 162 -8.21 -48.93 -12.24
C GLU C 162 -9.64 -48.63 -11.81
N ASN C 163 -10.63 -49.10 -12.59
CA ASN C 163 -12.02 -48.77 -12.31
C ASN C 163 -12.52 -49.44 -11.04
N PHE C 164 -12.16 -50.72 -10.85
CA PHE C 164 -12.56 -51.42 -9.63
C PHE C 164 -12.09 -50.66 -8.40
N ASN C 165 -10.81 -50.27 -8.37
CA ASN C 165 -10.33 -49.62 -7.17
C ASN C 165 -10.82 -48.17 -7.07
N ASP C 166 -11.02 -47.49 -8.20
CA ASP C 166 -11.64 -46.16 -8.16
C ASP C 166 -13.03 -46.24 -7.53
N SER C 167 -13.83 -47.20 -7.94
CA SER C 167 -15.20 -47.32 -7.45
C SER C 167 -15.22 -47.69 -5.97
N LEU C 168 -14.33 -48.60 -5.54
CA LEU C 168 -14.26 -48.93 -4.12
C LEU C 168 -13.85 -47.71 -3.30
N LEU C 169 -12.83 -46.99 -3.79
CA LEU C 169 -12.33 -45.81 -3.07
C LEU C 169 -13.39 -44.72 -3.00
N ASP C 170 -14.28 -44.65 -3.99
CA ASP C 170 -15.36 -43.69 -3.99
C ASP C 170 -16.33 -43.89 -2.83
N ALA C 171 -16.42 -45.10 -2.28
CA ALA C 171 -17.27 -45.35 -1.12
C ALA C 171 -16.80 -44.58 0.10
N VAL C 172 -15.49 -44.41 0.24
CA VAL C 172 -14.93 -43.68 1.37
C VAL C 172 -15.36 -42.22 1.34
N ASP C 173 -15.57 -41.68 0.13
CA ASP C 173 -15.84 -40.24 0.00
C ASP C 173 -17.07 -39.83 0.81
N ALA C 174 -18.13 -40.64 0.78
CA ALA C 174 -19.34 -40.29 1.53
C ALA C 174 -19.05 -40.09 3.01
N TRP C 175 -18.11 -40.87 3.54
CA TRP C 175 -17.75 -40.77 4.96
C TRP C 175 -16.84 -39.57 5.23
N MET C 176 -15.94 -39.27 4.30
CA MET C 176 -15.06 -38.12 4.48
C MET C 176 -15.81 -36.79 4.33
N MET C 177 -16.84 -36.76 3.49
CA MET C 177 -17.48 -35.51 3.08
C MET C 177 -18.66 -35.11 3.95
N GLN C 178 -18.99 -35.90 4.96
CA GLN C 178 -20.10 -35.58 5.87
C GLN C 178 -19.76 -34.30 6.65
N PRO C 179 -20.76 -33.69 7.33
CA PRO C 179 -20.48 -32.40 7.97
C PRO C 179 -19.39 -32.43 9.00
N VAL C 180 -19.26 -33.48 9.80
CA VAL C 180 -18.13 -33.61 10.73
C VAL C 180 -17.27 -34.78 10.30
N PRO C 181 -16.10 -34.52 9.73
CA PRO C 181 -15.32 -35.63 9.14
C PRO C 181 -14.64 -36.47 10.19
N PRO C 182 -14.19 -37.69 9.86
CA PRO C 182 -13.38 -38.46 10.80
C PRO C 182 -12.17 -37.67 11.27
N ARG C 183 -11.91 -37.75 12.58
CA ARG C 183 -10.76 -37.06 13.15
C ARG C 183 -9.46 -37.78 12.79
N ASN C 184 -9.46 -39.10 12.88
CA ASN C 184 -8.37 -39.92 12.40
C ASN C 184 -8.85 -40.75 11.22
N PHE C 185 -7.97 -41.00 10.26
CA PHE C 185 -8.32 -41.90 9.18
C PHE C 185 -7.07 -42.62 8.69
N VAL C 186 -7.28 -43.86 8.28
CA VAL C 186 -6.25 -44.69 7.64
C VAL C 186 -6.90 -45.26 6.40
N ILE C 187 -6.53 -44.73 5.24
CA ILE C 187 -7.22 -45.05 3.99
C ILE C 187 -6.22 -45.70 3.05
N LYS C 188 -6.42 -46.98 2.76
CA LYS C 188 -5.55 -47.63 1.79
C LYS C 188 -5.91 -47.16 0.38
N ILE C 189 -4.89 -46.81 -0.39
CA ILE C 189 -5.03 -46.37 -1.77
C ILE C 189 -4.33 -47.42 -2.63
N GLN C 190 -5.12 -48.35 -3.17
CA GLN C 190 -4.57 -49.45 -3.96
C GLN C 190 -3.92 -48.93 -5.24
N VAL C 191 -4.61 -48.04 -5.94
CA VAL C 191 -4.14 -47.53 -7.22
C VAL C 191 -4.10 -46.01 -7.12
N PRO C 192 -2.99 -45.42 -6.68
CA PRO C 192 -2.97 -43.98 -6.34
C PRO C 192 -2.72 -43.04 -7.50
N TYR C 193 -2.52 -43.54 -8.71
CA TYR C 193 -2.18 -42.69 -9.84
C TYR C 193 -3.35 -42.42 -10.77
N THR C 194 -4.53 -42.97 -10.50
CA THR C 194 -5.67 -42.60 -11.31
C THR C 194 -6.08 -41.16 -11.02
N GLN C 195 -6.82 -40.57 -11.96
CA GLN C 195 -7.23 -39.18 -11.80
C GLN C 195 -8.24 -39.05 -10.66
N LYS C 196 -9.14 -40.01 -10.53
CA LYS C 196 -10.15 -39.93 -9.47
C LYS C 196 -9.51 -40.10 -8.10
N ALA C 197 -8.54 -41.00 -7.96
CA ALA C 197 -7.88 -41.18 -6.67
C ALA C 197 -7.17 -39.90 -6.24
N ILE C 198 -6.37 -39.31 -7.13
CA ILE C 198 -5.66 -38.08 -6.78
C ILE C 198 -6.64 -36.95 -6.48
N ALA C 199 -7.71 -36.83 -7.27
CA ALA C 199 -8.71 -35.80 -7.02
C ALA C 199 -9.37 -35.97 -5.65
N LEU C 200 -9.70 -37.21 -5.30
CA LEU C 200 -10.32 -37.46 -3.99
C LEU C 200 -9.37 -37.12 -2.86
N LEU C 201 -8.09 -37.50 -2.99
CA LEU C 201 -7.13 -37.18 -1.94
C LEU C 201 -6.98 -35.67 -1.76
N GLU C 202 -6.93 -34.92 -2.87
CA GLU C 202 -6.86 -33.47 -2.76
C GLU C 202 -8.12 -32.89 -2.11
N LYS C 203 -9.27 -33.45 -2.44
CA LYS C 203 -10.51 -32.97 -1.83
C LYS C 203 -10.55 -33.27 -0.34
N TRP C 204 -10.09 -34.45 0.08
CA TRP C 204 -10.08 -34.77 1.50
C TRP C 204 -9.09 -33.90 2.25
N GLN C 205 -8.02 -33.49 1.58
CA GLN C 205 -7.10 -32.55 2.23
C GLN C 205 -7.80 -31.22 2.49
N VAL C 206 -8.52 -30.70 1.48
CA VAL C 206 -9.25 -29.45 1.70
C VAL C 206 -10.30 -29.62 2.80
N LYS C 207 -11.00 -30.76 2.79
CA LYS C 207 -12.09 -31.00 3.73
C LYS C 207 -11.61 -31.07 5.17
N THR C 208 -10.54 -31.84 5.43
CA THR C 208 -10.10 -32.12 6.79
C THR C 208 -8.94 -31.24 7.26
N GLY C 209 -8.32 -30.48 6.36
CA GLY C 209 -7.13 -29.74 6.74
C GLY C 209 -5.95 -30.64 7.11
N LYS C 210 -6.02 -31.93 6.76
CA LYS C 210 -5.03 -32.92 7.16
C LYS C 210 -4.71 -33.85 6.01
N GLY C 211 -3.68 -34.68 6.22
CA GLY C 211 -3.56 -35.81 5.31
C GLY C 211 -2.22 -35.90 4.62
N ARG C 212 -1.65 -37.09 4.65
CA ARG C 212 -0.43 -37.34 3.92
C ARG C 212 -0.49 -38.74 3.31
N LEU C 213 -0.03 -38.85 2.07
CA LEU C 213 -0.01 -40.12 1.35
C LEU C 213 1.38 -40.71 1.47
N VAL C 214 1.48 -41.91 2.05
CA VAL C 214 2.77 -42.50 2.33
C VAL C 214 2.86 -43.86 1.64
N ARG C 215 4.09 -44.21 1.30
CA ARG C 215 4.42 -45.53 0.83
C ARG C 215 5.32 -46.18 1.88
N LEU C 216 4.84 -47.29 2.44
CA LEU C 216 5.60 -48.00 3.47
C LEU C 216 6.81 -48.70 2.87
N ALA C 217 7.99 -48.40 3.39
CA ALA C 217 9.14 -49.23 3.06
C ALA C 217 8.84 -50.67 3.45
N GLY C 218 9.18 -51.61 2.59
CA GLY C 218 8.92 -53.00 2.87
C GLY C 218 7.56 -53.50 2.45
N ASP C 219 6.70 -52.65 1.89
CA ASP C 219 5.54 -53.19 1.20
C ASP C 219 6.00 -53.88 -0.07
N ARG C 220 5.15 -54.76 -0.59
CA ARG C 220 5.59 -55.60 -1.69
C ARG C 220 5.74 -54.78 -2.97
N LEU C 221 6.84 -55.01 -3.67
CA LEU C 221 7.11 -54.35 -4.94
C LEU C 221 6.06 -54.68 -5.99
N SER C 222 5.38 -55.80 -5.86
CA SER C 222 4.37 -56.22 -6.83
C SER C 222 3.09 -55.40 -6.80
N ASN C 223 2.93 -54.46 -5.86
CA ASN C 223 1.72 -53.63 -5.84
C ASN C 223 2.10 -52.16 -5.81
N THR C 224 1.07 -51.30 -5.88
CA THR C 224 1.21 -49.85 -5.88
C THR C 224 0.58 -49.23 -4.64
N VAL C 225 0.44 -49.99 -3.55
CA VAL C 225 -0.33 -49.56 -2.40
C VAL C 225 0.34 -48.37 -1.72
N MET C 226 -0.45 -47.33 -1.44
CA MET C 226 -0.07 -46.26 -0.52
C MET C 226 -1.15 -46.13 0.55
N TYR C 227 -0.89 -45.37 1.60
CA TYR C 227 -1.89 -45.13 2.65
C TYR C 227 -2.01 -43.63 2.90
N PHE C 228 -3.23 -43.15 2.95
CA PHE C 228 -3.54 -41.76 3.27
C PHE C 228 -3.86 -41.69 4.76
N LEU C 229 -3.05 -40.95 5.50
CA LEU C 229 -3.07 -40.92 6.96
C LEU C 229 -3.41 -39.51 7.45
N SER C 230 -4.20 -39.45 8.53
CA SER C 230 -4.59 -38.18 9.13
C SER C 230 -3.45 -37.57 9.95
N VAL C 231 -2.24 -37.57 9.41
CA VAL C 231 -1.15 -36.82 10.02
C VAL C 231 -1.15 -35.42 9.40
N ARG C 232 -0.16 -34.63 9.77
CA ARG C 232 -0.04 -33.25 9.31
C ARG C 232 -0.14 -33.18 7.78
N LEU C 233 -0.87 -32.16 7.29
CA LEU C 233 -1.07 -31.93 5.86
C LEU C 233 0.24 -31.97 5.07
N GLU C 234 0.28 -32.79 4.02
CA GLU C 234 1.38 -32.74 3.05
C GLU C 234 0.80 -32.70 1.64
N THR C 235 0.96 -31.56 0.97
CA THR C 235 0.30 -31.28 -0.29
C THR C 235 1.12 -31.78 -1.47
N GLN C 236 0.75 -31.34 -2.67
CA GLN C 236 1.34 -31.77 -3.94
C GLN C 236 1.35 -33.29 -4.06
N ILE C 237 0.20 -33.88 -3.74
CA ILE C 237 0.08 -35.34 -3.81
C ILE C 237 0.39 -35.85 -5.22
N ARG C 238 -0.05 -35.14 -6.26
CA ARG C 238 0.09 -35.65 -7.63
C ARG C 238 1.56 -35.85 -7.98
N GLY C 239 2.39 -34.85 -7.73
CA GLY C 239 3.81 -34.96 -8.04
C GLY C 239 4.51 -36.02 -7.20
N ARG C 240 4.04 -36.23 -5.97
CA ARG C 240 4.64 -37.26 -5.11
C ARG C 240 4.24 -38.66 -5.57
N VAL C 241 3.02 -38.83 -6.08
CA VAL C 241 2.68 -40.11 -6.69
C VAL C 241 3.53 -40.34 -7.93
N THR C 242 3.74 -39.29 -8.74
CA THR C 242 4.65 -39.41 -9.88
C THR C 242 6.03 -39.91 -9.46
N THR C 243 6.62 -39.27 -8.43
CA THR C 243 7.89 -39.73 -7.91
C THR C 243 7.81 -41.20 -7.48
N PHE C 244 6.70 -41.56 -6.81
CA PHE C 244 6.55 -42.91 -6.32
C PHE C 244 6.58 -43.92 -7.47
N VAL C 245 5.74 -43.72 -8.48
CA VAL C 245 5.63 -44.68 -9.57
C VAL C 245 6.92 -44.75 -10.37
N ARG C 246 7.60 -43.61 -10.55
CA ARG C 246 8.90 -43.63 -11.23
C ARG C 246 9.92 -44.48 -10.46
N GLU C 247 10.13 -44.16 -9.18
CA GLU C 247 11.12 -44.92 -8.42
C GLU C 247 10.71 -46.39 -8.26
N LEU C 248 9.41 -46.67 -8.13
CA LEU C 248 8.95 -48.05 -8.09
C LEU C 248 9.31 -48.79 -9.38
N ALA C 249 9.08 -48.16 -10.53
CA ALA C 249 9.45 -48.80 -11.79
C ALA C 249 10.93 -49.13 -11.83
N GLU C 250 11.76 -48.19 -11.39
CA GLU C 250 13.20 -48.41 -11.36
C GLU C 250 13.57 -49.57 -10.43
N ARG C 251 12.97 -49.61 -9.24
CA ARG C 251 13.32 -50.66 -8.28
C ARG C 251 12.87 -52.03 -8.76
N ARG C 252 11.71 -52.09 -9.41
CA ARG C 252 11.26 -53.35 -10.00
C ARG C 252 12.24 -53.83 -11.05
N LYS C 253 12.66 -52.95 -11.95
CA LYS C 253 13.58 -53.38 -13.00
C LYS C 253 14.92 -53.81 -12.42
N ASP C 254 15.44 -53.09 -11.44
CA ASP C 254 16.72 -53.45 -10.83
C ASP C 254 16.63 -54.80 -10.11
N ARG C 255 15.57 -55.04 -9.35
CA ARG C 255 15.47 -56.33 -8.66
C ARG C 255 15.20 -57.47 -9.63
N SER C 256 14.54 -57.17 -10.76
CA SER C 256 14.25 -58.23 -11.72
C SER C 256 15.52 -58.74 -12.41
N LEU C 257 16.57 -57.95 -12.44
CA LEU C 257 17.81 -58.36 -13.09
C LEU C 257 18.56 -59.36 -12.22
N THR C 258 19.25 -60.30 -12.87
CA THR C 258 20.14 -61.18 -12.13
C THR C 258 21.36 -60.39 -11.66
N ALA C 259 21.87 -60.76 -10.50
CA ALA C 259 22.96 -60.03 -9.91
C ALA C 259 24.22 -60.17 -10.75
N ASP C 260 24.92 -59.05 -10.93
CA ASP C 260 26.19 -59.02 -11.62
C ASP C 260 27.29 -59.60 -10.74
N PRO C 261 27.86 -60.77 -11.06
CA PRO C 261 28.79 -61.42 -10.12
C PRO C 261 30.11 -60.68 -9.90
N SER C 262 30.39 -59.62 -10.66
CA SER C 262 31.57 -58.80 -10.40
C SER C 262 31.42 -57.93 -9.14
N LEU C 263 30.23 -57.85 -8.56
CA LEU C 263 29.99 -56.97 -7.42
C LEU C 263 29.76 -57.75 -6.11
N GLU D 6 30.56 32.96 -2.04
CA GLU D 6 30.42 31.88 -1.10
C GLU D 6 29.95 32.54 0.23
N VAL D 7 30.87 33.05 1.01
CA VAL D 7 30.53 33.72 2.24
C VAL D 7 29.89 35.06 1.88
N TYR D 8 30.03 35.48 0.65
CA TYR D 8 29.51 36.74 0.22
C TYR D 8 28.01 36.82 -0.04
N LYS D 9 27.31 35.72 0.15
CA LYS D 9 25.87 35.62 -0.02
C LYS D 9 25.30 35.00 1.26
N GLY D 10 24.04 35.34 1.55
CA GLY D 10 23.42 34.81 2.74
C GLY D 10 24.12 35.27 4.00
N ASP D 11 23.95 34.48 5.07
CA ASP D 11 24.69 34.62 6.32
C ASP D 11 24.25 35.81 7.18
N GLY D 12 23.38 36.66 6.66
CA GLY D 12 23.19 37.94 7.31
C GLY D 12 24.07 39.03 6.75
N TYR D 13 24.73 38.78 5.62
CA TYR D 13 25.63 39.74 5.02
C TYR D 13 24.89 40.93 4.44
N LYS D 14 24.10 40.71 3.39
CA LYS D 14 23.33 41.80 2.79
C LYS D 14 21.91 41.91 3.33
N VAL D 15 21.37 40.83 3.88
CA VAL D 15 20.01 40.78 4.41
C VAL D 15 20.06 40.07 5.74
N TRP D 16 19.11 40.37 6.63
CA TRP D 16 19.09 39.67 7.91
C TRP D 16 18.82 38.19 7.73
N LYS D 17 19.45 37.38 8.58
CA LYS D 17 19.06 35.98 8.73
C LYS D 17 17.72 35.93 9.45
N LEU D 18 16.71 35.38 8.78
CA LEU D 18 15.36 35.30 9.33
C LEU D 18 14.89 33.85 9.26
N GLU D 19 15.33 33.04 10.20
CA GLU D 19 14.71 31.75 10.35
C GLU D 19 13.35 31.93 11.03
N PRO D 20 12.36 31.10 10.68
CA PRO D 20 11.02 31.28 11.24
C PRO D 20 11.01 31.05 12.75
N SER D 21 10.21 31.84 13.46
CA SER D 21 10.10 31.75 14.91
C SER D 21 8.62 31.79 15.30
N LEU D 22 8.35 31.35 16.52
CA LEU D 22 6.99 31.38 17.03
C LEU D 22 6.58 32.76 17.49
N GLY D 23 5.28 33.03 17.40
CA GLY D 23 4.74 34.26 17.90
C GLY D 23 3.73 34.84 16.94
N ASP D 24 3.03 35.90 17.34
CA ASP D 24 2.05 36.53 16.47
C ASP D 24 2.66 37.78 15.89
N PRO D 25 2.91 37.85 14.58
CA PRO D 25 3.58 39.04 14.01
C PRO D 25 2.82 40.35 14.19
N LEU D 26 1.48 40.33 14.13
CA LEU D 26 0.74 41.59 14.21
C LEU D 26 0.84 42.18 15.61
N GLU D 27 0.71 41.34 16.63
CA GLU D 27 0.79 41.81 18.00
C GLU D 27 2.19 42.37 18.30
N LEU D 28 3.24 41.65 17.89
CA LEU D 28 4.58 42.15 18.13
C LEU D 28 4.87 43.40 17.31
N GLY D 29 4.34 43.48 16.09
CA GLY D 29 4.52 44.67 15.29
C GLY D 29 3.89 45.90 15.92
N ARG D 30 2.66 45.75 16.40
CA ARG D 30 2.01 46.86 17.08
C ARG D 30 2.73 47.22 18.37
N LYS D 31 3.22 46.21 19.10
CA LYS D 31 3.96 46.49 20.32
C LYS D 31 5.17 47.39 20.03
N THR D 32 5.98 47.02 19.04
CA THR D 32 7.19 47.81 18.85
C THR D 32 6.86 49.17 18.23
N LYS D 33 5.79 49.25 17.44
CA LYS D 33 5.42 50.56 16.88
C LYS D 33 4.84 51.48 17.93
N THR D 34 4.09 50.95 18.90
CA THR D 34 3.63 51.76 20.03
C THR D 34 4.82 52.29 20.83
N GLU D 35 5.81 51.43 21.05
CA GLU D 35 7.01 51.89 21.75
C GLU D 35 7.70 52.99 20.97
N MET D 36 7.81 52.83 19.65
CA MET D 36 8.44 53.87 18.85
C MET D 36 7.64 55.17 18.88
N ASN D 37 6.31 55.09 18.83
CA ASN D 37 5.49 56.30 18.93
C ASN D 37 5.73 57.05 20.22
N ALA D 38 6.03 56.33 21.31
CA ALA D 38 6.28 57.01 22.59
C ALA D 38 7.69 57.62 22.73
N MET D 39 8.56 57.49 21.74
CA MET D 39 9.95 57.91 21.91
C MET D 39 10.12 59.42 21.87
N THR D 40 11.07 59.92 22.65
CA THR D 40 11.51 61.31 22.58
C THR D 40 12.21 61.61 21.25
N HIS D 41 12.48 62.89 21.01
CA HIS D 41 13.23 63.28 19.82
C HIS D 41 14.58 62.58 19.76
N ASP D 42 15.29 62.52 20.90
CA ASP D 42 16.64 61.91 20.88
C ASP D 42 16.56 60.40 20.63
N GLU D 43 15.68 59.71 21.34
CA GLU D 43 15.53 58.26 21.13
C GLU D 43 15.17 57.95 19.69
N PHE D 44 14.14 58.62 19.17
CA PHE D 44 13.75 58.41 17.79
C PHE D 44 14.88 58.75 16.84
N ASP D 45 15.64 59.79 17.17
CA ASP D 45 16.79 60.16 16.35
C ASP D 45 17.78 59.02 16.23
N ARG D 46 17.96 58.25 17.32
CA ARG D 46 18.83 57.09 17.22
C ARG D 46 18.22 55.96 16.40
N MET D 47 16.89 55.89 16.31
CA MET D 47 16.35 54.89 15.39
C MET D 47 16.59 55.24 13.93
N LYS D 48 16.65 56.53 13.61
CA LYS D 48 16.68 56.96 12.20
C LYS D 48 18.07 56.83 11.58
N ASP D 60 24.12 63.61 -10.37
CA ASP D 60 23.31 63.01 -9.32
C ASP D 60 22.07 62.35 -9.90
N LYS D 61 21.39 61.55 -9.09
CA LYS D 61 20.27 60.74 -9.53
C LYS D 61 18.95 61.34 -9.06
N PRO D 62 17.83 60.89 -9.63
CA PRO D 62 16.53 61.50 -9.27
C PRO D 62 16.20 61.39 -7.79
N SER D 63 16.62 60.33 -7.11
CA SER D 63 16.31 60.18 -5.70
C SER D 63 17.23 59.14 -5.09
N LYS D 64 17.07 58.94 -3.78
CA LYS D 64 17.79 57.89 -3.07
C LYS D 64 17.42 56.50 -3.58
N GLY D 65 16.20 56.34 -4.12
CA GLY D 65 15.74 55.02 -4.52
C GLY D 65 16.65 54.32 -5.53
N TYR D 66 17.25 55.09 -6.44
CA TYR D 66 18.18 54.54 -7.42
C TYR D 66 19.15 53.57 -6.78
N ASP D 67 19.74 53.96 -5.64
CA ASP D 67 20.74 53.09 -5.02
C ASP D 67 20.09 51.84 -4.44
N LYS D 68 18.96 52.00 -3.76
CA LYS D 68 18.31 50.84 -3.14
C LYS D 68 18.04 49.75 -4.17
N LEU D 69 17.36 50.11 -5.26
CA LEU D 69 17.03 49.10 -6.26
C LEU D 69 18.29 48.41 -6.78
N ARG D 70 19.40 49.13 -6.91
CA ARG D 70 20.61 48.47 -7.42
C ARG D 70 20.97 47.31 -6.51
N VAL D 71 21.01 47.58 -5.20
CA VAL D 71 21.27 46.53 -4.22
C VAL D 71 20.32 45.37 -4.43
N LEU D 72 19.02 45.69 -4.54
CA LEU D 72 18.03 44.63 -4.73
C LEU D 72 18.29 43.86 -6.01
N LEU D 73 18.55 44.57 -7.11
CA LEU D 73 18.77 43.87 -8.36
C LEU D 73 20.02 43.01 -8.27
N ASP D 74 20.99 43.45 -7.46
CA ASP D 74 22.19 42.67 -7.30
C ASP D 74 21.91 41.42 -6.46
N LEU D 75 20.99 41.51 -5.50
CA LEU D 75 20.62 40.33 -4.73
C LEU D 75 19.93 39.29 -5.60
N MET D 76 19.28 39.74 -6.67
CA MET D 76 18.54 38.86 -7.55
C MET D 76 19.37 38.36 -8.73
N ASP D 77 20.68 38.58 -8.69
CA ASP D 77 21.62 38.13 -9.73
C ASP D 77 21.40 38.86 -11.04
N ARG D 78 21.10 40.16 -10.96
CA ARG D 78 21.05 41.06 -12.10
C ARG D 78 20.27 40.49 -13.31
N PRO D 79 18.98 40.22 -13.13
CA PRO D 79 18.21 39.64 -14.24
C PRO D 79 18.00 40.68 -15.34
N ARG D 80 17.76 40.19 -16.55
CA ARG D 80 17.33 41.09 -17.62
C ARG D 80 15.88 41.49 -17.37
N LEU D 81 15.63 42.79 -17.43
CA LEU D 81 14.35 43.33 -16.99
C LEU D 81 13.28 43.29 -18.09
N GLY D 82 13.65 43.66 -19.32
CA GLY D 82 12.68 43.60 -20.40
C GLY D 82 11.59 44.64 -20.20
N THR D 83 10.34 44.25 -20.48
CA THR D 83 9.24 45.17 -20.29
C THR D 83 8.97 45.34 -18.80
N THR D 84 9.00 46.58 -18.34
CA THR D 84 9.02 46.88 -16.92
C THR D 84 7.98 47.93 -16.59
N VAL D 85 7.21 47.71 -15.54
CA VAL D 85 6.35 48.73 -14.97
C VAL D 85 6.89 49.09 -13.60
N ASP D 86 6.92 50.38 -13.28
CA ASP D 86 7.41 50.89 -12.01
C ASP D 86 6.21 51.57 -11.35
N LEU D 87 5.57 50.81 -10.47
CA LEU D 87 4.40 51.28 -9.76
C LEU D 87 4.79 52.17 -8.60
N CYS D 88 4.07 53.28 -8.45
CA CYS D 88 4.38 54.31 -7.45
C CYS D 88 5.80 54.83 -7.68
N ALA D 89 6.03 55.34 -8.89
CA ALA D 89 7.38 55.69 -9.30
C ALA D 89 7.91 56.96 -8.63
N GLY D 90 7.01 57.81 -8.12
CA GLY D 90 7.44 59.03 -7.48
C GLY D 90 8.31 59.85 -8.40
N ARG D 91 9.53 60.11 -7.93
CA ARG D 91 10.58 60.85 -8.63
C ARG D 91 11.26 60.15 -9.79
N GLY D 92 11.31 58.84 -9.78
CA GLY D 92 11.86 58.05 -10.83
C GLY D 92 13.20 57.44 -10.59
N GLY D 93 13.67 57.38 -9.34
CA GLY D 93 14.95 56.74 -9.08
C GLY D 93 15.01 55.33 -9.63
N TRP D 94 13.98 54.54 -9.35
CA TRP D 94 13.94 53.16 -9.82
C TRP D 94 13.86 53.11 -11.35
N SER D 95 12.97 53.92 -11.94
CA SER D 95 12.88 53.96 -13.39
C SER D 95 14.19 54.44 -14.01
N GLU D 96 14.86 55.38 -13.36
CA GLU D 96 16.14 55.85 -13.87
C GLU D 96 17.16 54.73 -13.91
N LEU D 97 17.22 53.93 -12.84
CA LEU D 97 18.15 52.80 -12.87
C LEU D 97 17.81 51.84 -14.00
N VAL D 98 16.52 51.56 -14.22
CA VAL D 98 16.16 50.65 -15.31
C VAL D 98 16.61 51.24 -16.65
N LYS D 99 16.46 52.55 -16.83
CA LYS D 99 16.90 53.17 -18.08
C LYS D 99 18.42 53.04 -18.24
N ASP D 100 19.18 53.35 -17.19
CA ASP D 100 20.64 53.21 -17.28
C ASP D 100 21.05 51.77 -17.56
N LEU D 101 20.24 50.81 -17.14
CA LEU D 101 20.59 49.41 -17.33
C LEU D 101 20.26 48.91 -18.73
N GLU D 102 19.10 49.30 -19.27
CA GLU D 102 18.64 48.72 -20.51
C GLU D 102 18.05 49.72 -21.49
N GLY D 103 18.04 51.01 -21.18
CA GLY D 103 17.46 51.99 -22.07
C GLY D 103 16.02 52.29 -21.70
N PRO D 104 15.49 53.41 -22.20
CA PRO D 104 14.20 53.91 -21.72
C PRO D 104 12.96 53.33 -22.40
N LYS D 105 13.10 52.49 -23.43
CA LYS D 105 11.92 52.08 -24.18
C LYS D 105 11.06 51.06 -23.45
N GLY D 106 11.67 50.20 -22.64
CA GLY D 106 10.91 49.15 -21.98
C GLY D 106 10.24 49.53 -20.69
N ILE D 107 10.27 50.79 -20.30
CA ILE D 107 9.83 51.22 -18.97
C ILE D 107 8.51 51.97 -19.10
N THR D 108 7.61 51.73 -18.15
CA THR D 108 6.43 52.54 -17.94
C THR D 108 6.34 52.89 -16.47
N ALA D 109 6.34 54.17 -16.14
CA ALA D 109 6.29 54.63 -14.76
C ALA D 109 4.88 55.09 -14.42
N VAL D 110 4.34 54.60 -13.30
CA VAL D 110 2.99 54.94 -12.88
C VAL D 110 3.08 55.66 -11.54
N SER D 111 2.51 56.86 -11.47
CA SER D 111 2.49 57.59 -10.22
C SER D 111 1.47 58.71 -10.31
N LEU D 112 1.13 59.28 -9.16
CA LEU D 112 0.23 60.41 -9.08
C LEU D 112 1.06 61.68 -8.95
N TRP D 113 0.98 62.54 -9.96
CA TRP D 113 1.70 63.81 -9.95
C TRP D 113 0.71 64.97 -10.00
N GLU D 118 5.05 66.20 -5.34
CA GLU D 118 6.29 66.41 -6.08
C GLU D 118 6.13 65.99 -7.54
N GLU D 119 7.23 65.93 -8.26
CA GLU D 119 7.17 65.65 -9.67
C GLU D 119 8.29 64.82 -10.21
N TRP D 120 8.14 64.40 -11.44
CA TRP D 120 9.11 63.60 -12.13
C TRP D 120 10.42 64.30 -12.23
N MET D 121 11.45 63.57 -11.91
CA MET D 121 12.82 64.06 -12.00
C MET D 121 13.79 63.07 -12.65
N ALA D 122 13.30 62.07 -13.38
CA ALA D 122 14.14 61.14 -14.11
C ALA D 122 14.18 61.53 -15.58
N ASP D 123 14.84 60.70 -16.39
CA ASP D 123 14.98 60.97 -17.81
C ASP D 123 13.62 61.33 -18.43
N PRO D 124 13.53 62.42 -19.20
CA PRO D 124 12.22 62.79 -19.79
C PRO D 124 11.73 61.80 -20.83
N ALA D 125 12.59 60.94 -21.35
CA ALA D 125 12.22 59.98 -22.38
C ALA D 125 11.52 58.74 -21.84
N ILE D 126 11.43 58.59 -20.52
CA ILE D 126 10.77 57.42 -19.94
C ILE D 126 9.26 57.63 -20.00
N HIS D 127 8.54 56.62 -20.49
CA HIS D 127 7.10 56.72 -20.59
C HIS D 127 6.47 56.79 -19.21
N ARG D 128 5.54 57.74 -19.02
CA ARG D 128 4.91 57.97 -17.74
C ARG D 128 3.39 57.92 -17.88
N ILE D 129 2.71 57.45 -16.83
CA ILE D 129 1.26 57.43 -16.75
C ILE D 129 0.86 58.02 -15.40
N ASN D 130 0.08 59.09 -15.43
CA ASN D 130 -0.35 59.80 -14.22
C ASN D 130 -1.66 59.19 -13.77
N ALA D 131 -1.60 58.19 -12.90
CA ALA D 131 -2.80 57.49 -12.47
C ALA D 131 -2.59 56.83 -11.11
N ASN D 132 -3.71 56.49 -10.48
CA ASN D 132 -3.71 55.78 -9.21
C ASN D 132 -3.51 54.27 -9.46
N VAL D 133 -2.51 53.68 -8.81
CA VAL D 133 -2.22 52.27 -9.07
C VAL D 133 -3.36 51.37 -8.61
N LYS D 134 -4.24 51.84 -7.72
CA LYS D 134 -5.41 51.07 -7.37
C LYS D 134 -6.43 51.03 -8.50
N HIS D 135 -6.42 52.03 -9.37
CA HIS D 135 -7.42 52.12 -10.43
C HIS D 135 -6.94 51.51 -11.74
N LEU D 136 -5.68 51.75 -12.10
CA LEU D 136 -5.16 51.37 -13.41
C LEU D 136 -5.12 49.85 -13.57
N ARG D 137 -5.69 49.36 -14.68
CA ARG D 137 -5.69 47.92 -14.93
C ARG D 137 -4.26 47.42 -15.15
N PRO D 138 -3.98 46.18 -14.77
CA PRO D 138 -2.67 45.60 -15.05
C PRO D 138 -2.51 45.29 -16.53
N TRP D 139 -1.27 45.02 -16.90
CA TRP D 139 -0.99 44.44 -18.20
C TRP D 139 0.22 43.53 -18.02
N GLN D 140 0.49 42.71 -19.03
CA GLN D 140 1.53 41.70 -18.91
C GLN D 140 2.91 42.34 -19.09
N VAL D 141 3.78 42.10 -18.13
CA VAL D 141 5.12 42.70 -18.12
C VAL D 141 6.13 41.60 -17.83
N ASP D 142 7.40 41.86 -18.16
CA ASP D 142 8.43 40.94 -17.71
C ASP D 142 8.83 41.23 -16.27
N THR D 143 8.88 42.52 -15.91
CA THR D 143 9.32 42.94 -14.59
C THR D 143 8.29 43.88 -13.99
N LEU D 144 7.93 43.63 -12.74
CA LEU D 144 7.06 44.50 -11.97
C LEU D 144 7.83 45.07 -10.78
N LEU D 145 7.89 46.39 -10.67
CA LEU D 145 8.48 47.07 -9.53
C LEU D 145 7.37 47.81 -8.80
N PHE D 146 7.45 47.83 -7.46
CA PHE D 146 6.51 48.55 -6.63
C PHE D 146 7.25 49.11 -5.42
N ASP D 147 7.23 50.44 -5.28
CA ASP D 147 7.85 51.08 -4.13
C ASP D 147 6.87 52.02 -3.42
N GLY D 148 5.58 51.66 -3.41
CA GLY D 148 4.63 52.43 -2.64
C GLY D 148 4.62 52.01 -1.17
N GLY D 149 4.23 52.95 -0.32
CA GLY D 149 4.21 52.70 1.10
C GLY D 149 4.53 53.95 1.87
N GLU D 150 3.81 54.20 2.97
CA GLU D 150 4.01 55.40 3.77
C GLU D 150 3.92 55.05 5.24
N ALA D 151 4.83 55.62 6.02
CA ALA D 151 4.81 55.51 7.47
C ALA D 151 4.11 56.74 8.03
N PHE D 152 3.21 56.53 8.98
CA PHE D 152 2.31 57.58 9.40
C PHE D 152 2.87 58.38 10.58
N LYS D 153 2.13 59.43 10.95
CA LYS D 153 2.41 60.20 12.15
C LYS D 153 2.08 59.40 13.41
N ARG D 154 2.75 59.76 14.50
CA ARG D 154 2.67 59.01 15.76
C ARG D 154 1.34 59.16 16.49
N ASP D 155 0.47 60.07 16.07
CA ASP D 155 -0.76 60.28 16.82
C ASP D 155 -1.80 59.19 16.56
N GLN D 156 -1.78 58.60 15.38
CA GLN D 156 -2.91 57.84 14.87
C GLN D 156 -3.10 56.52 15.61
N ASN D 157 -4.33 56.01 15.56
CA ASN D 157 -4.53 54.58 15.74
C ASN D 157 -3.60 53.83 14.80
N LEU D 158 -2.98 52.76 15.29
CA LEU D 158 -2.07 51.97 14.46
C LEU D 158 -2.78 51.43 13.21
N ARG D 159 -4.11 51.31 13.30
CA ARG D 159 -4.88 50.68 12.24
C ARG D 159 -4.93 51.51 10.97
N LYS D 160 -4.75 52.83 11.04
CA LYS D 160 -4.85 53.60 9.81
C LYS D 160 -3.64 53.36 8.91
N GLU D 161 -2.44 53.34 9.49
CA GLU D 161 -1.27 52.95 8.72
C GLU D 161 -1.40 51.53 8.19
N GLU D 162 -1.85 50.59 9.05
CA GLU D 162 -2.03 49.22 8.56
C GLU D 162 -2.99 49.17 7.36
N ASN D 163 -4.15 49.84 7.48
CA ASN D 163 -5.16 49.79 6.42
C ASN D 163 -4.66 50.43 5.14
N PHE D 164 -4.01 51.60 5.26
CA PHE D 164 -3.52 52.32 4.10
C PHE D 164 -2.50 51.49 3.34
N ASN D 165 -1.55 50.90 4.06
CA ASN D 165 -0.52 50.15 3.35
C ASN D 165 -1.05 48.82 2.82
N ASP D 166 -2.00 48.19 3.53
CA ASP D 166 -2.69 47.01 2.99
C ASP D 166 -3.41 47.32 1.68
N SER D 167 -4.07 48.47 1.60
CA SER D 167 -4.81 48.80 0.38
C SER D 167 -3.86 49.08 -0.77
N LEU D 168 -2.83 49.88 -0.51
CA LEU D 168 -1.82 50.13 -1.53
C LEU D 168 -1.24 48.82 -2.02
N LEU D 169 -0.88 47.95 -1.08
CA LEU D 169 -0.27 46.67 -1.42
C LEU D 169 -1.24 45.80 -2.21
N ASP D 170 -2.54 45.95 -1.95
CA ASP D 170 -3.51 45.13 -2.68
C ASP D 170 -3.62 45.56 -4.12
N ALA D 171 -3.26 46.81 -4.44
CA ALA D 171 -3.15 47.20 -5.86
C ALA D 171 -2.21 46.29 -6.64
N VAL D 172 -1.14 45.79 -6.00
CA VAL D 172 -0.18 44.91 -6.67
C VAL D 172 -0.80 43.57 -7.04
N ASP D 173 -1.82 43.13 -6.28
CA ASP D 173 -2.31 41.76 -6.44
C ASP D 173 -2.82 41.49 -7.85
N ALA D 174 -3.51 42.47 -8.46
CA ALA D 174 -4.06 42.22 -9.80
C ALA D 174 -2.95 41.99 -10.81
N TRP D 175 -1.83 42.70 -10.65
CA TRP D 175 -0.67 42.47 -11.52
C TRP D 175 -0.09 41.09 -11.32
N MET D 176 -0.03 40.64 -10.05
CA MET D 176 0.57 39.33 -9.78
C MET D 176 -0.32 38.18 -10.24
N MET D 177 -1.64 38.36 -10.22
CA MET D 177 -2.59 37.28 -10.41
C MET D 177 -3.13 37.17 -11.84
N GLN D 178 -2.57 37.93 -12.78
CA GLN D 178 -3.00 37.84 -14.17
C GLN D 178 -2.54 36.50 -14.74
N PRO D 179 -3.04 36.10 -15.91
CA PRO D 179 -2.63 34.81 -16.49
C PRO D 179 -1.13 34.61 -16.56
N VAL D 180 -0.40 35.58 -17.10
CA VAL D 180 1.05 35.49 -17.16
C VAL D 180 1.63 36.49 -16.16
N PRO D 181 2.13 36.04 -15.02
CA PRO D 181 2.62 36.96 -14.01
C PRO D 181 4.00 37.51 -14.37
N PRO D 182 4.44 38.59 -13.72
CA PRO D 182 5.80 39.07 -13.95
C PRO D 182 6.87 38.00 -13.67
N ARG D 183 7.82 37.83 -14.58
CA ARG D 183 8.98 36.93 -14.35
C ARG D 183 9.85 37.50 -13.20
N ASN D 184 10.16 38.79 -13.24
CA ASN D 184 10.88 39.47 -12.18
C ASN D 184 9.93 40.36 -11.38
N PHE D 185 10.14 40.45 -10.08
CA PHE D 185 9.40 41.42 -9.29
C PHE D 185 10.20 41.84 -8.06
N VAL D 186 10.08 43.14 -7.75
CA VAL D 186 10.62 43.75 -6.55
C VAL D 186 9.47 44.55 -5.94
N ILE D 187 8.93 44.07 -4.81
CA ILE D 187 7.72 44.64 -4.23
C ILE D 187 8.04 45.05 -2.80
N LYS D 188 8.00 46.35 -2.54
CA LYS D 188 8.24 46.82 -1.17
C LYS D 188 7.02 46.52 -0.30
N ILE D 189 7.28 45.98 0.87
CA ILE D 189 6.27 45.65 1.86
C ILE D 189 6.50 46.57 3.05
N GLN D 190 5.76 47.68 3.07
CA GLN D 190 5.91 48.69 4.11
C GLN D 190 5.55 48.14 5.49
N VAL D 191 4.44 47.43 5.59
CA VAL D 191 3.97 46.88 6.86
C VAL D 191 3.79 45.38 6.68
N PRO D 192 4.83 44.58 6.92
CA PRO D 192 4.78 43.16 6.54
C PRO D 192 4.03 42.26 7.51
N TYR D 193 3.58 42.77 8.64
CA TYR D 193 3.03 41.90 9.68
C TYR D 193 1.50 41.90 9.74
N THR D 194 0.82 42.65 8.87
CA THR D 194 -0.64 42.55 8.83
C THR D 194 -1.04 41.19 8.26
N GLN D 195 -2.25 40.76 8.60
CA GLN D 195 -2.71 39.48 8.08
C GLN D 195 -2.88 39.51 6.58
N LYS D 196 -3.36 40.64 6.04
CA LYS D 196 -3.51 40.78 4.60
C LYS D 196 -2.18 40.72 3.87
N ALA D 197 -1.15 41.39 4.40
CA ALA D 197 0.14 41.37 3.71
C ALA D 197 0.71 39.96 3.64
N ILE D 198 0.66 39.23 4.76
CA ILE D 198 1.17 37.86 4.79
C ILE D 198 0.35 36.94 3.89
N ALA D 199 -0.98 37.09 3.89
CA ALA D 199 -1.82 36.29 3.01
C ALA D 199 -1.51 36.56 1.55
N LEU D 200 -1.32 37.84 1.18
CA LEU D 200 -0.95 38.19 -0.19
C LEU D 200 0.39 37.56 -0.59
N LEU D 201 1.38 37.65 0.29
CA LEU D 201 2.70 37.09 0.00
C LEU D 201 2.62 35.58 -0.23
N GLU D 202 1.91 34.87 0.66
CA GLU D 202 1.75 33.43 0.47
C GLU D 202 1.03 33.12 -0.85
N LYS D 203 0.00 33.90 -1.16
CA LYS D 203 -0.73 33.69 -2.40
C LYS D 203 0.18 33.88 -3.62
N TRP D 204 0.98 34.94 -3.60
CA TRP D 204 1.86 35.21 -4.74
C TRP D 204 2.92 34.13 -4.88
N GLN D 205 3.38 33.56 -3.76
CA GLN D 205 4.29 32.43 -3.84
C GLN D 205 3.64 31.22 -4.49
N VAL D 206 2.38 30.94 -4.15
CA VAL D 206 1.69 29.84 -4.85
C VAL D 206 1.55 30.14 -6.32
N LYS D 207 1.17 31.37 -6.68
CA LYS D 207 0.91 31.68 -8.08
C LYS D 207 2.18 31.64 -8.93
N THR D 208 3.28 32.21 -8.43
CA THR D 208 4.48 32.30 -9.27
C THR D 208 5.46 31.16 -9.04
N GLY D 209 5.33 30.43 -7.94
CA GLY D 209 6.35 29.46 -7.60
C GLY D 209 7.66 30.04 -7.14
N LYS D 210 7.73 31.36 -6.92
CA LYS D 210 8.95 32.07 -6.52
C LYS D 210 8.66 32.98 -5.33
N GLY D 211 9.72 33.59 -4.82
CA GLY D 211 9.51 34.72 -3.94
C GLY D 211 10.13 34.54 -2.58
N ARG D 212 10.86 35.56 -2.15
CA ARG D 212 11.46 35.56 -0.83
C ARG D 212 11.38 36.96 -0.25
N LEU D 213 11.02 37.02 1.03
CA LEU D 213 10.85 38.28 1.75
C LEU D 213 12.13 38.57 2.53
N VAL D 214 12.72 39.75 2.29
CA VAL D 214 14.02 40.05 2.87
C VAL D 214 13.98 41.38 3.60
N ARG D 215 14.81 41.48 4.63
CA ARG D 215 15.08 42.73 5.32
C ARG D 215 16.50 43.15 4.96
N LEU D 216 16.63 44.28 4.28
CA LEU D 216 17.93 44.79 3.88
C LEU D 216 18.70 45.24 5.12
N ALA D 217 19.90 44.70 5.32
CA ALA D 217 20.78 45.21 6.35
C ALA D 217 21.07 46.67 6.06
N GLY D 218 21.00 47.50 7.09
CA GLY D 218 21.24 48.90 6.86
C GLY D 218 20.06 49.71 6.36
N ASP D 219 18.87 49.11 6.25
CA ASP D 219 17.68 49.94 6.29
C ASP D 219 17.52 50.53 7.69
N ARG D 220 16.87 51.67 7.78
CA ARG D 220 16.78 52.35 9.07
C ARG D 220 15.91 51.54 10.04
N LEU D 221 16.29 51.57 11.31
CA LEU D 221 15.50 50.95 12.35
C LEU D 221 14.17 51.65 12.58
N SER D 222 13.98 52.84 12.01
CA SER D 222 12.75 53.59 12.19
C SER D 222 11.61 53.11 11.32
N ASN D 223 11.83 52.09 10.48
CA ASN D 223 10.74 51.57 9.66
C ASN D 223 10.72 50.06 9.75
N THR D 224 9.66 49.48 9.20
CA THR D 224 9.45 48.04 9.17
C THR D 224 9.53 47.47 7.74
N VAL D 225 10.23 48.16 6.84
CA VAL D 225 10.20 47.82 5.42
C VAL D 225 10.87 46.48 5.17
N MET D 226 10.22 45.64 4.36
CA MET D 226 10.87 44.47 3.78
C MET D 226 10.63 44.50 2.28
N TYR D 227 11.32 43.64 1.53
CA TYR D 227 11.13 43.54 0.09
C TYR D 227 10.86 42.11 -0.31
N PHE D 228 9.83 41.91 -1.10
CA PHE D 228 9.48 40.62 -1.66
C PHE D 228 10.08 40.54 -3.05
N LEU D 229 10.99 39.58 -3.25
CA LEU D 229 11.85 39.49 -4.44
C LEU D 229 11.59 38.17 -5.16
N SER D 230 11.65 38.23 -6.49
CA SER D 230 11.46 37.06 -7.36
C SER D 230 12.69 36.13 -7.38
N VAL D 231 13.37 35.96 -6.26
CA VAL D 231 14.42 34.95 -6.18
C VAL D 231 13.75 33.65 -5.77
N ARG D 232 14.56 32.62 -5.53
CA ARG D 232 14.04 31.30 -5.27
C ARG D 232 13.08 31.30 -4.07
N LEU D 233 12.06 30.44 -4.16
CA LEU D 233 11.00 30.36 -3.16
C LEU D 233 11.58 30.18 -1.78
N GLU D 234 11.10 30.96 -0.81
CA GLU D 234 11.44 30.75 0.60
C GLU D 234 10.15 30.91 1.40
N THR D 235 9.67 29.80 1.95
CA THR D 235 8.33 29.73 2.54
C THR D 235 8.36 30.11 4.02
N GLN D 236 7.26 29.85 4.73
CA GLN D 236 7.11 30.19 6.16
C GLN D 236 7.25 31.69 6.40
N ILE D 237 6.58 32.47 5.56
CA ILE D 237 6.66 33.93 5.62
C ILE D 237 6.21 34.43 6.98
N ARG D 238 5.11 33.88 7.50
CA ARG D 238 4.58 34.35 8.78
C ARG D 238 5.65 34.25 9.87
N GLY D 239 6.28 33.09 10.01
CA GLY D 239 7.31 32.93 11.04
C GLY D 239 8.52 33.82 10.81
N ARG D 240 8.89 34.04 9.56
CA ARG D 240 10.05 34.89 9.28
C ARG D 240 9.74 36.35 9.57
N VAL D 241 8.49 36.80 9.35
CA VAL D 241 8.10 38.15 9.74
C VAL D 241 8.12 38.29 11.25
N THR D 242 7.65 37.25 11.96
CA THR D 242 7.74 37.24 13.41
C THR D 242 9.18 37.42 13.86
N THR D 243 10.10 36.66 13.25
CA THR D 243 11.52 36.80 13.57
C THR D 243 12.00 38.23 13.30
N PHE D 244 11.59 38.79 12.16
CA PHE D 244 11.99 40.15 11.81
C PHE D 244 11.53 41.15 12.86
N VAL D 245 10.26 41.11 13.26
CA VAL D 245 9.74 42.13 14.15
C VAL D 245 10.33 41.98 15.54
N ARG D 246 10.53 40.75 16.01
CA ARG D 246 11.17 40.55 17.31
C ARG D 246 12.60 41.09 17.30
N GLU D 247 13.36 40.75 16.26
CA GLU D 247 14.75 41.18 16.18
C GLU D 247 14.85 42.69 16.03
N LEU D 248 13.92 43.27 15.28
CA LEU D 248 13.86 44.72 15.12
C LEU D 248 13.58 45.41 16.44
N ALA D 249 12.67 44.84 17.24
CA ALA D 249 12.38 45.44 18.55
C ALA D 249 13.60 45.35 19.45
N GLU D 250 14.34 44.25 19.37
CA GLU D 250 15.55 44.11 20.19
C GLU D 250 16.62 45.12 19.80
N ARG D 251 16.83 45.32 18.48
CA ARG D 251 17.81 46.30 18.02
C ARG D 251 17.43 47.72 18.42
N ARG D 252 16.14 48.06 18.25
CA ARG D 252 15.63 49.34 18.74
C ARG D 252 15.91 49.49 20.23
N LYS D 253 15.61 48.46 21.02
CA LYS D 253 15.92 48.45 22.45
C LYS D 253 17.41 48.62 22.72
N ASP D 254 18.26 48.06 21.86
CA ASP D 254 19.70 48.15 22.07
C ASP D 254 20.23 49.53 21.77
N ARG D 255 19.48 50.37 21.06
CA ARG D 255 19.91 51.75 20.90
C ARG D 255 19.27 52.71 21.90
N SER D 256 18.77 52.22 23.03
CA SER D 256 18.19 53.12 24.02
C SER D 256 19.26 53.95 24.70
N LEU D 257 18.81 55.07 25.25
CA LEU D 257 19.65 55.95 26.05
C LEU D 257 19.67 55.48 27.51
N THR D 258 20.70 55.91 28.23
CA THR D 258 20.88 55.54 29.63
C THR D 258 20.89 56.81 30.48
N ALA D 259 19.94 56.92 31.39
CA ALA D 259 19.91 58.06 32.30
C ALA D 259 21.15 58.03 33.21
N ASP D 260 21.61 59.21 33.60
CA ASP D 260 22.77 59.31 34.49
C ASP D 260 22.39 58.80 35.89
N PRO D 261 23.38 58.37 36.68
CA PRO D 261 23.06 57.76 37.99
C PRO D 261 22.19 58.60 38.90
N SER D 262 22.31 59.93 38.86
CA SER D 262 21.50 60.77 39.74
C SER D 262 20.03 60.72 39.39
N LEU D 263 19.69 60.88 38.10
CA LEU D 263 18.30 60.76 37.66
C LEU D 263 17.82 59.32 37.74
N GLN D 264 18.70 58.35 37.44
CA GLN D 264 18.37 56.94 37.62
C GLN D 264 17.87 56.68 39.03
N TYR D 265 18.61 57.15 40.02
CA TYR D 265 18.25 56.89 41.41
C TYR D 265 17.05 57.73 41.84
N GLU D 266 16.88 58.94 41.32
CA GLU D 266 15.75 59.80 41.75
C GLU D 266 14.48 59.41 40.99
N ARG D 267 14.56 59.16 39.69
CA ARG D 267 13.43 58.76 38.81
C ARG D 267 12.11 59.42 39.22
#